data_1JQN
#
_entry.id   1JQN
#
_cell.length_a   117.950
_cell.length_b   249.060
_cell.length_c   83.120
_cell.angle_alpha   90.00
_cell.angle_beta   90.00
_cell.angle_gamma   90.00
#
_symmetry.space_group_name_H-M   'I 2 2 2'
#
loop_
_entity.id
_entity.type
_entity.pdbx_description
1 polymer 'phosphoenolpyruvate carboxylase'
2 non-polymer 'MANGANESE (II) ION'
3 non-polymer 'ASPARTIC ACID'
4 non-polymer '3,3-DICHLORO-2-PHOSPHONOMETHYL-ACRYLIC ACID'
5 water water
#
_entity_poly.entity_id   1
_entity_poly.type   'polypeptide(L)'
_entity_poly.pdbx_seq_one_letter_code
;MNEQYSALRSNVSMLGKVLGETIKDALGEHILERVETIRKLSKSSRAGNDANRQELLTTLQNLSNDELLPVARAFSQFLN
LANTAEQYHSISPKGEAASNPEVIARTLRKLKNQPELSEDTIKKAVESLSLELVLTAHPTEITRRTLIHKMVEVNACLKQ
LDNKDIADYEHNQLMRRLRQLIAQSWHTDEIRKLRPSPVDEAKWGFAVVENSLWQGVPNYLRELNEQLEENLGYKLPVEF
VPVRFTSWMGGDRDGNPNVTADITRHVLLLSRWKATDLFLKDIQVLVSELSMVEATPELLALVGEEGAAEPYRYLMKNLR
SRLMATQAWLEARLKGEELPKPEGLLTQNEELWEPLYACYQSLQACGMGIIANGDLLDTLRRVKCFGVPLVRIDIRQEST
RHTEALGELTRYLGIGDYESWSEADKQAFLIRELNSKRPLLPRNWQPSAETREVLDTCQVIAEAPQGSIAAYVISMAKTP
SDVLAVHLLLKEAGIGFAMPVAPLFETLDDLNNANDVMTQLLNIDWYRGLIQGKQMVMIGYSDSAKDAGVMAASWAQYQA
QDALIKTCEKAGIELTLFHGRGGSIGRGGAPAHAALLSQPPGSLKGGLRVTEQGEMIRFKYGLPEITVSSLSLYTGAILE
ANLLPPPEPKESWRRIMDELSVISCDVYRGYVRENKDFVPYFRSATPEQELGKLPLGSRPAKRRPTGGVESLRAIPWIFA
WTQNRLMLPAWLGAGTALQKVVEDGKQSELEAMCRDWPFFSTRLGMLEMVFAKADLWLAEYYDQRLVDKALWPLGKELRN
LQEEDIKVVLAIANDSHLMADLPWIAESIQLRNIYTDPLNVLQAELLHRSRQAEKEGQEPDPRVEQALMVTIAGIAAGMR
NTG
;
_entity_poly.pdbx_strand_id   A
#
loop_
_chem_comp.id
_chem_comp.type
_chem_comp.name
_chem_comp.formula
DCO non-polymer '3,3-DICHLORO-2-PHOSPHONOMETHYL-ACRYLIC ACID' 'C4 H5 Cl2 O5 P'
MN non-polymer 'MANGANESE (II) ION' 'Mn 2'
#
# COMPACT_ATOMS: atom_id res chain seq x y z
N GLN A 4 -9.44 4.47 30.09
CA GLN A 4 -8.27 3.62 29.72
C GLN A 4 -7.40 4.34 28.70
N TYR A 5 -8.02 5.26 27.95
CA TYR A 5 -7.33 6.03 26.93
C TYR A 5 -7.22 7.49 27.36
N SER A 6 -7.01 7.71 28.66
CA SER A 6 -6.88 9.05 29.20
C SER A 6 -5.63 9.75 28.68
N ALA A 7 -4.53 9.02 28.57
CA ALA A 7 -3.29 9.59 28.07
C ALA A 7 -3.49 10.12 26.64
N LEU A 8 -4.25 9.38 25.85
CA LEU A 8 -4.54 9.74 24.47
C LEU A 8 -5.40 11.01 24.41
N ARG A 9 -6.47 11.04 25.21
CA ARG A 9 -7.39 12.18 25.25
C ARG A 9 -6.62 13.44 25.65
N SER A 10 -5.72 13.29 26.63
CA SER A 10 -4.90 14.39 27.12
C SER A 10 -4.03 14.95 26.01
N ASN A 11 -3.19 14.08 25.45
CA ASN A 11 -2.30 14.49 24.37
C ASN A 11 -3.04 15.19 23.25
N VAL A 12 -4.19 14.65 22.86
CA VAL A 12 -4.96 15.28 21.79
C VAL A 12 -5.42 16.68 22.22
N SER A 13 -5.77 16.80 23.49
CA SER A 13 -6.23 18.08 24.01
C SER A 13 -5.07 19.07 24.10
N MET A 14 -3.90 18.59 24.51
CA MET A 14 -2.73 19.45 24.64
C MET A 14 -2.23 19.95 23.29
N LEU A 15 -2.28 19.09 22.28
CA LEU A 15 -1.84 19.49 20.95
C LEU A 15 -2.84 20.45 20.35
N GLY A 16 -4.11 20.25 20.68
CA GLY A 16 -5.15 21.13 20.16
C GLY A 16 -4.95 22.54 20.66
N LYS A 17 -4.54 22.67 21.92
CA LYS A 17 -4.30 23.99 22.50
C LYS A 17 -3.13 24.65 21.78
N VAL A 18 -1.99 23.97 21.73
CA VAL A 18 -0.83 24.52 21.05
C VAL A 18 -1.18 24.99 19.63
N LEU A 19 -2.03 24.24 18.94
CA LEU A 19 -2.41 24.62 17.58
C LEU A 19 -3.31 25.84 17.66
N GLY A 20 -4.25 25.83 18.59
CA GLY A 20 -5.16 26.95 18.76
C GLY A 20 -4.44 28.26 19.05
N GLU A 21 -3.41 28.19 19.87
CA GLU A 21 -2.63 29.37 20.22
C GLU A 21 -1.81 29.85 19.01
N THR A 22 -1.30 28.91 18.24
CA THR A 22 -0.52 29.21 17.06
C THR A 22 -1.40 29.91 16.01
N ILE A 23 -2.69 29.65 16.07
CA ILE A 23 -3.62 30.25 15.12
C ILE A 23 -3.97 31.68 15.54
N LYS A 24 -4.05 31.90 16.85
CA LYS A 24 -4.38 33.22 17.39
C LYS A 24 -3.31 34.23 17.03
N ASP A 25 -2.08 33.78 16.89
CA ASP A 25 -0.99 34.68 16.54
C ASP A 25 -0.96 34.97 15.05
N ALA A 26 -0.90 33.90 14.24
CA ALA A 26 -0.85 34.04 12.80
C ALA A 26 -1.86 35.05 12.24
N LEU A 27 -3.13 34.64 12.17
CA LEU A 27 -4.17 35.49 11.62
C LEU A 27 -5.37 35.70 12.55
N GLY A 28 -5.11 36.39 13.66
CA GLY A 28 -6.18 36.68 14.60
C GLY A 28 -6.94 35.46 15.13
N GLU A 29 -7.95 35.74 15.94
CA GLU A 29 -8.76 34.69 16.53
C GLU A 29 -10.13 34.54 15.88
N HIS A 30 -10.40 35.35 14.86
CA HIS A 30 -11.68 35.28 14.16
C HIS A 30 -11.82 33.88 13.56
N ILE A 31 -10.77 33.41 12.92
CA ILE A 31 -10.72 32.11 12.29
C ILE A 31 -11.03 31.02 13.32
N LEU A 32 -10.50 31.20 14.52
CA LEU A 32 -10.70 30.24 15.61
C LEU A 32 -12.16 30.24 16.05
N GLU A 33 -12.81 31.40 15.98
CA GLU A 33 -14.21 31.50 16.34
C GLU A 33 -15.06 30.77 15.31
N ARG A 34 -14.69 30.89 14.04
CA ARG A 34 -15.43 30.24 12.97
C ARG A 34 -15.36 28.73 13.15
N VAL A 35 -14.15 28.24 13.38
CA VAL A 35 -13.92 26.83 13.59
C VAL A 35 -14.74 26.33 14.79
N GLU A 36 -14.91 27.17 15.79
CA GLU A 36 -15.68 26.78 16.96
C GLU A 36 -17.18 26.79 16.69
N THR A 37 -17.64 27.77 15.94
CA THR A 37 -19.05 27.90 15.60
C THR A 37 -19.50 26.73 14.74
N ILE A 38 -18.73 26.43 13.70
CA ILE A 38 -19.04 25.33 12.79
C ILE A 38 -19.05 23.99 13.53
N ARG A 39 -18.06 23.81 14.41
CA ARG A 39 -17.93 22.59 15.19
C ARG A 39 -19.17 22.39 16.06
N LYS A 40 -19.57 23.44 16.79
CA LYS A 40 -20.73 23.37 17.66
C LYS A 40 -22.05 23.21 16.91
N LEU A 41 -22.24 24.00 15.86
CA LEU A 41 -23.48 23.92 15.08
C LEU A 41 -23.65 22.54 14.47
N SER A 42 -22.58 22.01 13.92
CA SER A 42 -22.62 20.71 13.29
C SER A 42 -23.06 19.66 14.29
N LYS A 43 -22.51 19.74 15.49
CA LYS A 43 -22.87 18.78 16.52
C LYS A 43 -24.33 18.92 16.92
N SER A 44 -24.81 20.15 17.01
CA SER A 44 -26.19 20.39 17.38
C SER A 44 -27.17 19.91 16.30
N SER A 45 -26.74 19.98 15.04
CA SER A 45 -27.60 19.56 13.95
C SER A 45 -27.75 18.05 13.93
N ARG A 46 -26.68 17.35 14.28
CA ARG A 46 -26.67 15.90 14.31
C ARG A 46 -27.59 15.40 15.43
N ALA A 47 -27.68 16.16 16.51
CA ALA A 47 -28.52 15.77 17.64
C ALA A 47 -30.00 15.94 17.34
N GLY A 48 -30.32 16.57 16.22
CA GLY A 48 -31.72 16.75 15.86
C GLY A 48 -32.24 18.17 15.92
N ASN A 49 -31.44 19.10 16.43
CA ASN A 49 -31.84 20.50 16.51
C ASN A 49 -31.94 21.05 15.09
N ASP A 50 -33.15 21.06 14.54
CA ASP A 50 -33.33 21.55 13.19
C ASP A 50 -33.09 23.05 13.08
N ALA A 51 -33.20 23.75 14.19
CA ALA A 51 -32.98 25.19 14.19
C ALA A 51 -31.53 25.52 13.83
N ASN A 52 -30.58 24.82 14.47
CA ASN A 52 -29.17 25.05 14.20
C ASN A 52 -28.73 24.49 12.87
N ARG A 53 -29.49 23.54 12.33
CA ARG A 53 -29.14 22.98 11.03
C ARG A 53 -29.22 24.09 10.00
N GLN A 54 -30.22 24.96 10.15
CA GLN A 54 -30.40 26.07 9.23
C GLN A 54 -29.31 27.09 9.53
N GLU A 55 -28.98 27.24 10.81
CA GLU A 55 -27.97 28.17 11.26
C GLU A 55 -26.60 27.80 10.68
N LEU A 56 -26.32 26.49 10.64
CA LEU A 56 -25.07 25.97 10.10
C LEU A 56 -24.97 26.28 8.62
N LEU A 57 -26.07 26.03 7.92
CA LEU A 57 -26.14 26.28 6.49
C LEU A 57 -25.85 27.74 6.19
N THR A 58 -26.48 28.64 6.94
CA THR A 58 -26.27 30.06 6.74
C THR A 58 -24.81 30.41 7.04
N THR A 59 -24.32 29.96 8.20
CA THR A 59 -22.96 30.20 8.62
C THR A 59 -21.96 29.87 7.51
N LEU A 60 -22.19 28.74 6.85
CA LEU A 60 -21.32 28.29 5.77
C LEU A 60 -21.39 29.16 4.51
N GLN A 61 -22.60 29.59 4.13
CA GLN A 61 -22.74 30.41 2.94
C GLN A 61 -22.16 31.79 3.16
N ASN A 62 -22.01 32.19 4.41
CA ASN A 62 -21.48 33.50 4.71
C ASN A 62 -19.96 33.54 4.77
N LEU A 63 -19.32 32.38 4.74
CA LEU A 63 -17.87 32.39 4.77
C LEU A 63 -17.39 33.03 3.47
N SER A 64 -16.50 34.02 3.58
CA SER A 64 -15.97 34.67 2.38
C SER A 64 -14.91 33.75 1.82
N ASN A 65 -14.66 33.84 0.52
CA ASN A 65 -13.64 32.99 -0.11
C ASN A 65 -12.28 33.12 0.57
N ASP A 66 -12.09 34.20 1.31
CA ASP A 66 -10.82 34.41 1.99
C ASP A 66 -10.72 33.63 3.29
N GLU A 67 -11.85 33.10 3.76
CA GLU A 67 -11.88 32.33 5.00
C GLU A 67 -11.81 30.84 4.73
N LEU A 68 -12.34 30.42 3.60
CA LEU A 68 -12.36 29.02 3.21
C LEU A 68 -11.06 28.26 3.46
N LEU A 69 -9.96 28.77 2.92
CA LEU A 69 -8.67 28.10 3.10
C LEU A 69 -8.20 28.00 4.54
N PRO A 70 -8.14 29.13 5.27
CA PRO A 70 -7.70 29.09 6.66
C PRO A 70 -8.54 28.12 7.49
N VAL A 71 -9.85 28.20 7.33
CA VAL A 71 -10.79 27.33 8.05
C VAL A 71 -10.55 25.85 7.75
N ALA A 72 -10.46 25.52 6.46
CA ALA A 72 -10.23 24.14 6.05
C ALA A 72 -8.94 23.61 6.68
N ARG A 73 -7.88 24.42 6.60
CA ARG A 73 -6.61 24.03 7.16
C ARG A 73 -6.68 23.82 8.66
N ALA A 74 -7.49 24.63 9.34
CA ALA A 74 -7.63 24.49 10.78
C ALA A 74 -8.13 23.09 11.11
N PHE A 75 -9.26 22.72 10.52
CA PHE A 75 -9.84 21.40 10.75
C PHE A 75 -8.88 20.30 10.35
N SER A 76 -8.21 20.49 9.22
CA SER A 76 -7.27 19.50 8.75
C SER A 76 -6.13 19.31 9.73
N GLN A 77 -5.68 20.40 10.33
CA GLN A 77 -4.58 20.36 11.28
C GLN A 77 -4.98 19.65 12.56
N PHE A 78 -6.16 19.98 13.08
CA PHE A 78 -6.62 19.34 14.29
C PHE A 78 -6.68 17.82 14.06
N LEU A 79 -7.19 17.42 12.90
CA LEU A 79 -7.26 16.00 12.59
C LEU A 79 -5.86 15.41 12.57
N ASN A 80 -4.95 16.10 11.90
CA ASN A 80 -3.58 15.62 11.80
C ASN A 80 -2.91 15.43 13.15
N LEU A 81 -3.20 16.31 14.11
CA LEU A 81 -2.62 16.18 15.44
C LEU A 81 -3.29 15.01 16.12
N ALA A 82 -4.58 14.84 15.85
CA ALA A 82 -5.32 13.74 16.43
C ALA A 82 -4.67 12.43 15.96
N ASN A 83 -4.40 12.33 14.65
CA ASN A 83 -3.77 11.13 14.09
C ASN A 83 -2.40 10.87 14.75
N THR A 84 -1.62 11.94 14.89
CA THR A 84 -0.28 11.92 15.49
C THR A 84 -0.35 11.34 16.90
N ALA A 85 -1.25 11.88 17.71
CA ALA A 85 -1.43 11.43 19.08
C ALA A 85 -1.78 9.95 19.07
N GLU A 86 -2.66 9.57 18.14
CA GLU A 86 -3.12 8.20 17.99
C GLU A 86 -1.96 7.23 17.65
N GLN A 87 -1.11 7.65 16.72
CA GLN A 87 0.03 6.83 16.32
C GLN A 87 1.03 6.67 17.45
N TYR A 88 1.21 7.72 18.26
CA TYR A 88 2.14 7.63 19.37
C TYR A 88 1.60 6.65 20.41
N HIS A 89 0.31 6.77 20.71
CA HIS A 89 -0.36 5.90 21.69
C HIS A 89 -0.24 4.41 21.31
N SER A 90 -0.14 4.15 20.01
CA SER A 90 -0.04 2.77 19.50
C SER A 90 1.29 2.12 19.80
N ILE A 91 2.36 2.86 19.57
CA ILE A 91 3.70 2.33 19.78
C ILE A 91 4.24 2.63 21.17
N SER A 92 3.46 3.33 21.97
CA SER A 92 3.88 3.66 23.33
C SER A 92 3.76 2.46 24.25
N PRO A 93 4.75 2.25 25.13
CA PRO A 93 4.74 1.13 26.06
C PRO A 93 3.53 1.16 27.00
N LYS A 94 3.17 2.38 27.43
CA LYS A 94 2.03 2.57 28.32
C LYS A 94 0.72 2.55 27.54
N GLY A 95 0.83 2.52 26.22
CA GLY A 95 -0.35 2.50 25.37
C GLY A 95 -0.67 1.10 24.88
N GLU A 96 -0.50 0.87 23.58
CA GLU A 96 -0.78 -0.43 22.97
C GLU A 96 0.48 -1.24 22.75
N ALA A 97 1.63 -0.59 22.80
CA ALA A 97 2.91 -1.27 22.61
C ALA A 97 2.97 -2.10 21.31
N ALA A 98 2.66 -1.47 20.18
CA ALA A 98 2.66 -2.16 18.89
C ALA A 98 4.03 -2.74 18.48
N SER A 99 5.11 -2.03 18.79
CA SER A 99 6.44 -2.50 18.41
C SER A 99 7.08 -3.40 19.48
N ASN A 100 6.25 -3.92 20.39
CA ASN A 100 6.72 -4.80 21.45
C ASN A 100 7.05 -6.17 20.86
N PRO A 101 8.30 -6.63 21.02
CA PRO A 101 8.76 -7.92 20.50
C PRO A 101 7.88 -9.08 20.94
N GLU A 102 7.05 -8.83 21.95
CA GLU A 102 6.13 -9.84 22.46
C GLU A 102 5.22 -10.35 21.34
N VAL A 103 4.87 -9.45 20.40
CA VAL A 103 4.01 -9.83 19.29
C VAL A 103 4.54 -11.06 18.58
N ILE A 104 5.86 -11.15 18.46
CA ILE A 104 6.50 -12.29 17.79
C ILE A 104 6.61 -13.51 18.72
N ALA A 105 7.07 -13.27 19.94
CA ALA A 105 7.24 -14.34 20.92
C ALA A 105 5.93 -15.09 21.12
N ARG A 106 4.83 -14.36 21.19
CA ARG A 106 3.52 -14.97 21.38
C ARG A 106 3.25 -16.03 20.34
N THR A 107 3.68 -15.78 19.10
CA THR A 107 3.47 -16.73 18.03
C THR A 107 4.38 -17.94 18.18
N LEU A 108 5.66 -17.69 18.39
CA LEU A 108 6.62 -18.77 18.54
C LEU A 108 6.20 -19.74 19.65
N ARG A 109 5.83 -19.21 20.81
CA ARG A 109 5.40 -20.04 21.93
C ARG A 109 4.18 -20.89 21.59
N LYS A 110 3.27 -20.32 20.81
CA LYS A 110 2.06 -21.03 20.41
C LYS A 110 2.44 -22.26 19.59
N LEU A 111 3.46 -22.09 18.75
CA LEU A 111 3.91 -23.17 17.88
C LEU A 111 4.68 -24.27 18.63
N LYS A 112 5.36 -23.90 19.71
CA LYS A 112 6.11 -24.89 20.48
C LYS A 112 5.20 -25.80 21.29
N ASN A 113 4.08 -25.25 21.77
CA ASN A 113 3.15 -26.02 22.57
C ASN A 113 2.28 -26.96 21.72
N GLN A 114 2.48 -26.92 20.41
CA GLN A 114 1.73 -27.78 19.50
C GLN A 114 2.46 -29.11 19.34
N PRO A 115 1.81 -30.21 19.74
CA PRO A 115 2.38 -31.57 19.66
C PRO A 115 2.74 -32.07 18.26
N GLU A 116 1.84 -31.87 17.30
CA GLU A 116 2.07 -32.33 15.93
C GLU A 116 3.24 -31.61 15.26
N LEU A 117 3.65 -30.48 15.82
CA LEU A 117 4.74 -29.70 15.25
C LEU A 117 6.10 -30.03 15.87
N SER A 118 7.03 -30.53 15.05
CA SER A 118 8.35 -30.86 15.55
C SER A 118 9.29 -29.70 15.24
N GLU A 119 10.19 -29.40 16.18
CA GLU A 119 11.14 -28.30 16.03
C GLU A 119 11.81 -28.26 14.66
N ASP A 120 11.92 -29.41 14.01
CA ASP A 120 12.56 -29.48 12.70
C ASP A 120 11.69 -28.85 11.61
N THR A 121 10.39 -29.14 11.67
CA THR A 121 9.45 -28.62 10.69
C THR A 121 9.21 -27.12 10.91
N ILE A 122 9.44 -26.66 12.14
CA ILE A 122 9.29 -25.24 12.47
C ILE A 122 10.53 -24.48 12.01
N LYS A 123 11.69 -25.10 12.20
CA LYS A 123 12.95 -24.50 11.80
C LYS A 123 12.97 -24.26 10.30
N LYS A 124 12.37 -25.18 9.54
CA LYS A 124 12.35 -25.06 8.10
C LYS A 124 11.36 -23.98 7.66
N ALA A 125 10.29 -23.81 8.45
CA ALA A 125 9.28 -22.80 8.15
C ALA A 125 9.91 -21.42 8.28
N VAL A 126 10.78 -21.25 9.27
CA VAL A 126 11.46 -19.98 9.49
C VAL A 126 12.47 -19.69 8.37
N GLU A 127 13.10 -20.73 7.86
CA GLU A 127 14.09 -20.59 6.79
C GLU A 127 13.45 -20.29 5.45
N SER A 128 12.15 -20.52 5.35
CA SER A 128 11.43 -20.27 4.10
C SER A 128 10.67 -18.95 4.14
N LEU A 129 10.81 -18.22 5.25
CA LEU A 129 10.14 -16.94 5.45
C LEU A 129 10.50 -15.97 4.33
N SER A 130 9.50 -15.27 3.81
CA SER A 130 9.72 -14.33 2.72
C SER A 130 8.67 -13.23 2.65
N LEU A 131 9.09 -12.00 2.85
CA LEU A 131 8.20 -10.85 2.80
C LEU A 131 8.67 -9.86 1.77
N GLU A 132 7.78 -9.41 0.91
CA GLU A 132 8.14 -8.40 -0.08
C GLU A 132 7.01 -7.39 -0.10
N LEU A 133 7.30 -6.18 0.36
CA LEU A 133 6.27 -5.15 0.39
C LEU A 133 6.47 -4.20 -0.77
N VAL A 134 5.39 -3.96 -1.51
CA VAL A 134 5.45 -3.09 -2.67
C VAL A 134 4.76 -1.79 -2.42
N LEU A 135 5.54 -0.72 -2.34
CA LEU A 135 5.00 0.61 -2.11
C LEU A 135 4.30 1.17 -3.37
N THR A 136 3.12 1.78 -3.17
CA THR A 136 2.38 2.36 -4.29
C THR A 136 2.17 3.85 -3.97
N ALA A 137 1.92 4.65 -4.99
CA ALA A 137 1.74 6.09 -4.81
C ALA A 137 0.57 6.43 -3.89
N HIS A 138 0.65 7.62 -3.31
CA HIS A 138 -0.38 8.14 -2.43
C HIS A 138 -1.34 8.96 -3.30
N PRO A 139 -2.58 8.48 -3.49
CA PRO A 139 -3.60 9.15 -4.31
C PRO A 139 -4.03 10.57 -3.92
N THR A 140 -3.89 10.95 -2.65
CA THR A 140 -4.27 12.30 -2.24
C THR A 140 -3.21 13.04 -1.42
N GLU A 141 -2.03 13.16 -2.00
CA GLU A 141 -0.90 13.87 -1.39
C GLU A 141 -0.91 15.26 -2.00
N ILE A 142 -1.36 16.25 -1.25
CA ILE A 142 -1.43 17.61 -1.79
C ILE A 142 -0.26 18.53 -1.48
N THR A 143 0.66 18.08 -0.62
CA THR A 143 1.81 18.91 -0.26
C THR A 143 2.91 18.86 -1.32
N ARG A 144 3.51 20.01 -1.58
CA ARG A 144 4.58 20.15 -2.56
C ARG A 144 5.83 19.36 -2.19
N ARG A 145 6.07 19.22 -0.89
CA ARG A 145 7.22 18.45 -0.41
C ARG A 145 6.76 17.46 0.66
N THR A 146 7.55 16.40 0.85
CA THR A 146 7.22 15.39 1.84
C THR A 146 7.50 15.93 3.25
N LEU A 147 6.61 15.65 4.18
CA LEU A 147 6.76 16.11 5.55
C LEU A 147 6.87 14.98 6.57
N ILE A 148 7.30 13.81 6.11
CA ILE A 148 7.43 12.66 7.00
C ILE A 148 8.47 12.85 8.10
N HIS A 149 9.61 13.46 7.74
CA HIS A 149 10.66 13.70 8.71
C HIS A 149 10.18 14.55 9.89
N LYS A 150 9.31 15.51 9.62
CA LYS A 150 8.77 16.38 10.67
C LYS A 150 7.95 15.59 11.70
N MET A 151 7.12 14.67 11.21
CA MET A 151 6.28 13.84 12.07
C MET A 151 7.11 12.95 12.97
N VAL A 152 8.31 12.61 12.51
CA VAL A 152 9.20 11.77 13.29
C VAL A 152 9.68 12.57 14.49
N GLU A 153 9.82 13.88 14.31
CA GLU A 153 10.29 14.76 15.37
C GLU A 153 9.17 15.07 16.35
N VAL A 154 7.96 15.27 15.84
CA VAL A 154 6.82 15.54 16.70
C VAL A 154 6.59 14.33 17.60
N ASN A 155 6.84 13.14 17.06
CA ASN A 155 6.67 11.91 17.82
C ASN A 155 7.72 11.86 18.95
N ALA A 156 8.95 12.21 18.60
CA ALA A 156 10.04 12.21 19.57
C ALA A 156 9.72 13.12 20.75
N CYS A 157 9.11 14.26 20.47
CA CYS A 157 8.74 15.19 21.53
C CYS A 157 7.70 14.58 22.45
N LEU A 158 6.76 13.83 21.87
CA LEU A 158 5.72 13.17 22.66
C LEU A 158 6.31 12.06 23.52
N LYS A 159 7.26 11.31 22.96
CA LYS A 159 7.88 10.21 23.70
C LYS A 159 8.63 10.74 24.92
N GLN A 160 9.32 11.86 24.73
CA GLN A 160 10.10 12.48 25.79
C GLN A 160 9.24 13.13 26.85
N LEU A 161 8.14 13.74 26.42
CA LEU A 161 7.24 14.40 27.36
C LEU A 161 6.45 13.37 28.15
N ASP A 162 6.33 12.16 27.60
CA ASP A 162 5.58 11.10 28.24
C ASP A 162 6.39 10.48 29.38
N ASN A 163 6.65 11.28 30.40
CA ASN A 163 7.43 10.79 31.52
C ASN A 163 7.35 11.64 32.78
N LYS A 164 6.98 11.00 33.89
CA LYS A 164 6.90 11.69 35.17
C LYS A 164 8.35 11.90 35.60
N ASP A 165 8.57 12.42 36.81
CA ASP A 165 9.94 12.66 37.27
C ASP A 165 10.69 13.55 36.26
N ILE A 166 9.93 14.17 35.36
CA ILE A 166 10.51 15.04 34.35
C ILE A 166 10.72 16.44 34.92
N ALA A 167 11.92 16.98 34.69
CA ALA A 167 12.30 18.30 35.17
C ALA A 167 11.37 19.40 34.67
N ASP A 168 11.19 20.44 35.47
CA ASP A 168 10.34 21.57 35.12
C ASP A 168 10.88 22.31 33.90
N TYR A 169 12.17 22.61 33.94
CA TYR A 169 12.83 23.35 32.85
C TYR A 169 13.04 22.47 31.63
N GLU A 170 12.93 21.16 31.84
CA GLU A 170 13.08 20.18 30.76
C GLU A 170 11.77 20.11 29.98
N HIS A 171 10.66 20.13 30.70
CA HIS A 171 9.33 20.09 30.11
C HIS A 171 9.09 21.39 29.35
N ASN A 172 9.55 22.49 29.93
CA ASN A 172 9.39 23.80 29.32
C ASN A 172 10.16 23.87 27.99
N GLN A 173 11.28 23.16 27.93
CA GLN A 173 12.13 23.10 26.75
C GLN A 173 11.52 22.27 25.61
N LEU A 174 10.91 21.15 25.97
CA LEU A 174 10.26 20.26 25.01
C LEU A 174 9.03 20.96 24.42
N MET A 175 8.30 21.67 25.27
CA MET A 175 7.12 22.40 24.81
C MET A 175 7.48 23.51 23.83
N ARG A 176 8.62 24.17 24.06
CA ARG A 176 9.08 25.24 23.19
C ARG A 176 9.36 24.69 21.80
N ARG A 177 9.96 23.51 21.74
CA ARG A 177 10.28 22.87 20.47
C ARG A 177 8.99 22.41 19.80
N LEU A 178 8.10 21.84 20.59
CA LEU A 178 6.83 21.38 20.06
C LEU A 178 6.04 22.55 19.45
N ARG A 179 6.09 23.72 20.09
CA ARG A 179 5.38 24.90 19.59
C ARG A 179 5.92 25.40 18.25
N GLN A 180 7.22 25.26 18.03
CA GLN A 180 7.82 25.69 16.77
C GLN A 180 7.43 24.70 15.69
N LEU A 181 7.44 23.42 16.03
CA LEU A 181 7.08 22.35 15.10
C LEU A 181 5.66 22.53 14.59
N ILE A 182 4.73 22.84 15.50
CA ILE A 182 3.34 23.04 15.11
C ILE A 182 3.23 24.29 14.25
N ALA A 183 3.86 25.37 14.72
CA ALA A 183 3.83 26.64 14.03
C ALA A 183 4.36 26.50 12.60
N GLN A 184 5.39 25.67 12.45
CA GLN A 184 6.00 25.43 11.15
C GLN A 184 4.97 24.83 10.20
N SER A 185 4.22 23.85 10.69
CA SER A 185 3.20 23.17 9.89
C SER A 185 2.08 24.10 9.47
N TRP A 186 1.84 25.12 10.27
CA TRP A 186 0.79 26.05 9.95
C TRP A 186 1.20 27.13 8.94
N HIS A 187 2.47 27.52 8.96
CA HIS A 187 2.94 28.55 8.04
C HIS A 187 3.66 27.98 6.81
N THR A 188 4.17 26.76 6.94
CA THR A 188 4.89 26.11 5.84
C THR A 188 4.00 25.07 5.17
N ASP A 189 3.01 25.54 4.43
CA ASP A 189 2.09 24.64 3.75
C ASP A 189 1.96 25.05 2.28
N GLU A 190 2.56 24.26 1.41
CA GLU A 190 2.52 24.55 -0.01
C GLU A 190 1.68 23.54 -0.77
N ILE A 191 0.41 23.85 -0.93
CA ILE A 191 -0.52 22.99 -1.67
C ILE A 191 -0.03 22.87 -3.11
N ARG A 192 -0.08 21.68 -3.68
CA ARG A 192 0.35 21.49 -5.05
C ARG A 192 -0.52 22.35 -5.97
N LYS A 193 0.12 23.07 -6.88
CA LYS A 193 -0.59 23.90 -7.83
C LYS A 193 -0.84 23.02 -9.04
N LEU A 194 0.11 22.14 -9.31
CA LEU A 194 0.05 21.23 -10.43
C LEU A 194 0.03 19.77 -10.00
N ARG A 195 -0.42 18.92 -10.92
CA ARG A 195 -0.51 17.50 -10.71
C ARG A 195 0.93 16.91 -10.59
N PRO A 196 1.16 16.07 -9.58
CA PRO A 196 2.48 15.46 -9.37
C PRO A 196 2.90 14.53 -10.50
N SER A 197 4.20 14.50 -10.78
CA SER A 197 4.70 13.63 -11.83
C SER A 197 5.16 12.33 -11.18
N PRO A 198 5.33 11.27 -11.98
CA PRO A 198 5.78 9.98 -11.46
C PRO A 198 7.08 10.12 -10.67
N VAL A 199 7.97 11.00 -11.14
CA VAL A 199 9.24 11.23 -10.47
C VAL A 199 9.04 11.79 -9.05
N ASP A 200 7.98 12.59 -8.87
CA ASP A 200 7.69 13.16 -7.56
C ASP A 200 7.18 12.06 -6.62
N GLU A 201 6.32 11.20 -7.14
CA GLU A 201 5.78 10.11 -6.35
C GLU A 201 6.92 9.18 -5.97
N ALA A 202 7.88 9.01 -6.88
CA ALA A 202 9.03 8.16 -6.60
C ALA A 202 9.87 8.73 -5.46
N LYS A 203 10.08 10.05 -5.48
CA LYS A 203 10.85 10.73 -4.44
C LYS A 203 10.14 10.60 -3.10
N TRP A 204 8.81 10.66 -3.14
CA TRP A 204 8.02 10.50 -1.92
C TRP A 204 8.34 9.13 -1.31
N GLY A 205 8.44 8.11 -2.16
CA GLY A 205 8.76 6.78 -1.69
C GLY A 205 10.15 6.71 -1.07
N PHE A 206 11.09 7.46 -1.65
CA PHE A 206 12.45 7.50 -1.13
C PHE A 206 12.45 8.09 0.28
N ALA A 207 11.60 9.09 0.51
CA ALA A 207 11.50 9.73 1.81
C ALA A 207 11.04 8.73 2.87
N VAL A 208 10.18 7.80 2.48
CA VAL A 208 9.70 6.79 3.41
C VAL A 208 10.85 5.85 3.76
N VAL A 209 11.66 5.51 2.77
CA VAL A 209 12.78 4.63 3.00
C VAL A 209 13.80 5.18 4.00
N GLU A 210 14.31 6.39 3.80
CA GLU A 210 15.31 6.90 4.73
C GLU A 210 14.81 7.37 6.08
N ASN A 211 13.58 7.83 6.15
CA ASN A 211 13.05 8.31 7.43
C ASN A 211 12.42 7.24 8.30
N SER A 212 12.17 6.06 7.75
CA SER A 212 11.55 5.00 8.53
C SER A 212 12.00 3.56 8.23
N LEU A 213 12.05 3.21 6.95
CA LEU A 213 12.43 1.86 6.57
C LEU A 213 13.91 1.54 6.81
N TRP A 214 14.77 2.54 6.62
CA TRP A 214 16.20 2.39 6.80
C TRP A 214 16.57 1.87 8.18
N GLN A 215 15.91 2.40 9.21
CA GLN A 215 16.15 1.98 10.58
C GLN A 215 15.20 0.85 10.95
N GLY A 216 13.97 0.97 10.46
CA GLY A 216 12.96 -0.03 10.77
C GLY A 216 13.28 -1.48 10.44
N VAL A 217 13.78 -1.73 9.24
CA VAL A 217 14.06 -3.11 8.85
C VAL A 217 15.14 -3.73 9.71
N PRO A 218 16.28 -3.05 9.91
CA PRO A 218 17.33 -3.65 10.74
C PRO A 218 16.87 -3.88 12.18
N ASN A 219 16.04 -2.98 12.70
CA ASN A 219 15.52 -3.14 14.07
C ASN A 219 14.58 -4.33 14.14
N TYR A 220 13.76 -4.51 13.12
CA TYR A 220 12.85 -5.64 13.13
C TYR A 220 13.66 -6.95 13.05
N LEU A 221 14.64 -6.99 12.16
CA LEU A 221 15.48 -8.18 11.99
C LEU A 221 16.26 -8.49 13.26
N ARG A 222 16.65 -7.42 13.97
CA ARG A 222 17.38 -7.55 15.22
C ARG A 222 16.46 -8.24 16.23
N GLU A 223 15.24 -7.72 16.40
CA GLU A 223 14.29 -8.31 17.33
C GLU A 223 13.87 -9.72 16.93
N LEU A 224 13.67 -9.95 15.63
CA LEU A 224 13.25 -11.26 15.15
C LEU A 224 14.22 -12.32 15.64
N ASN A 225 15.51 -12.14 15.34
CA ASN A 225 16.52 -13.11 15.77
C ASN A 225 16.56 -13.31 17.27
N GLU A 226 16.56 -12.21 18.01
CA GLU A 226 16.61 -12.29 19.45
C GLU A 226 15.49 -13.15 20.00
N GLN A 227 14.29 -13.00 19.44
CA GLN A 227 13.15 -13.81 19.90
C GLN A 227 13.25 -15.27 19.45
N LEU A 228 13.86 -15.50 18.29
CA LEU A 228 14.04 -16.87 17.77
C LEU A 228 14.94 -17.64 18.72
N GLU A 229 16.10 -17.08 19.03
CA GLU A 229 17.05 -17.72 19.92
C GLU A 229 16.49 -17.93 21.32
N GLU A 230 15.79 -16.93 21.84
CA GLU A 230 15.24 -17.03 23.18
C GLU A 230 14.14 -18.07 23.31
N ASN A 231 13.32 -18.23 22.26
CA ASN A 231 12.21 -19.18 22.32
C ASN A 231 12.45 -20.49 21.57
N LEU A 232 13.12 -20.42 20.44
CA LEU A 232 13.38 -21.62 19.66
C LEU A 232 14.78 -22.15 19.91
N GLY A 233 15.71 -21.27 20.27
CA GLY A 233 17.07 -21.71 20.55
C GLY A 233 18.06 -21.58 19.40
N TYR A 234 17.86 -20.61 18.54
CA TYR A 234 18.76 -20.40 17.42
C TYR A 234 18.40 -19.16 16.62
N LYS A 235 19.42 -18.55 16.02
CA LYS A 235 19.25 -17.36 15.21
C LYS A 235 19.40 -17.71 13.73
N LEU A 236 18.92 -16.83 12.88
CA LEU A 236 19.02 -17.08 11.45
C LEU A 236 20.39 -16.62 10.97
N PRO A 237 20.95 -17.34 9.97
CA PRO A 237 22.25 -17.00 9.40
C PRO A 237 22.29 -15.55 8.97
N VAL A 238 23.44 -14.93 9.09
CA VAL A 238 23.59 -13.53 8.71
C VAL A 238 23.15 -13.26 7.27
N GLU A 239 23.44 -14.19 6.37
CA GLU A 239 23.10 -13.99 4.96
C GLU A 239 21.60 -14.06 4.68
N PHE A 240 20.84 -14.51 5.67
CA PHE A 240 19.40 -14.63 5.48
C PHE A 240 18.63 -13.37 5.86
N VAL A 241 18.17 -12.61 4.87
CA VAL A 241 17.38 -11.40 5.09
C VAL A 241 16.05 -11.60 4.34
N PRO A 242 15.02 -12.11 5.05
CA PRO A 242 13.70 -12.39 4.47
C PRO A 242 12.81 -11.19 4.09
N VAL A 243 13.36 -9.98 4.10
CA VAL A 243 12.54 -8.82 3.75
C VAL A 243 13.10 -8.07 2.55
N ARG A 244 12.19 -7.66 1.67
CA ARG A 244 12.57 -6.93 0.47
C ARG A 244 11.51 -5.88 0.21
N PHE A 245 11.94 -4.69 -0.22
CA PHE A 245 11.00 -3.63 -0.55
C PHE A 245 11.10 -3.30 -2.02
N THR A 246 9.93 -3.19 -2.65
CA THR A 246 9.78 -2.89 -4.07
C THR A 246 8.82 -1.70 -4.19
N SER A 247 8.73 -1.09 -5.37
CA SER A 247 7.84 0.05 -5.58
C SER A 247 7.19 0.02 -6.97
N TRP A 248 6.10 0.74 -7.12
CA TRP A 248 5.38 0.82 -8.40
C TRP A 248 5.55 2.21 -9.01
N MET A 249 6.02 3.16 -8.20
CA MET A 249 6.23 4.52 -8.68
C MET A 249 7.27 4.50 -9.77
N GLY A 250 6.86 4.85 -10.98
CA GLY A 250 7.78 4.84 -12.11
C GLY A 250 7.70 3.54 -12.88
N GLY A 251 6.97 2.56 -12.34
CA GLY A 251 6.85 1.28 -13.01
C GLY A 251 5.44 0.98 -13.50
N ASP A 252 4.45 1.31 -12.69
CA ASP A 252 3.06 1.08 -13.05
C ASP A 252 2.62 2.10 -14.07
N ARG A 253 2.33 1.67 -15.29
CA ARG A 253 1.88 2.58 -16.32
C ARG A 253 0.48 2.22 -16.77
N ASP A 254 -0.20 1.41 -15.96
CA ASP A 254 -1.57 0.98 -16.26
C ASP A 254 -2.52 2.17 -16.27
N GLY A 255 -3.05 2.51 -17.44
CA GLY A 255 -3.95 3.65 -17.55
C GLY A 255 -3.31 4.96 -17.14
N ASN A 256 -1.98 5.04 -17.19
CA ASN A 256 -1.29 6.27 -16.82
C ASN A 256 -0.27 6.63 -17.89
N PRO A 257 -0.73 7.41 -18.89
CA PRO A 257 0.09 7.86 -20.02
C PRO A 257 1.32 8.66 -19.59
N ASN A 258 1.29 9.19 -18.37
CA ASN A 258 2.42 9.96 -17.87
C ASN A 258 3.63 9.14 -17.50
N VAL A 259 3.45 7.83 -17.37
CA VAL A 259 4.58 6.97 -17.05
C VAL A 259 5.09 6.39 -18.35
N THR A 260 6.06 7.10 -18.94
CA THR A 260 6.68 6.72 -20.20
C THR A 260 7.97 5.96 -19.95
N ALA A 261 8.53 5.37 -21.01
CA ALA A 261 9.78 4.64 -20.91
C ALA A 261 10.88 5.54 -20.35
N ASP A 262 10.86 6.83 -20.70
CA ASP A 262 11.88 7.74 -20.20
C ASP A 262 11.75 7.97 -18.71
N ILE A 263 10.52 8.19 -18.25
CA ILE A 263 10.31 8.41 -16.83
C ILE A 263 10.85 7.21 -16.06
N THR A 264 10.53 6.02 -16.52
CA THR A 264 11.00 4.81 -15.85
C THR A 264 12.52 4.76 -15.84
N ARG A 265 13.12 5.09 -16.97
CA ARG A 265 14.58 5.06 -17.06
C ARG A 265 15.18 6.05 -16.07
N HIS A 266 14.55 7.22 -15.95
CA HIS A 266 14.99 8.27 -15.05
C HIS A 266 14.87 7.83 -13.59
N VAL A 267 13.68 7.35 -13.23
CA VAL A 267 13.41 6.90 -11.88
C VAL A 267 14.39 5.80 -11.47
N LEU A 268 14.83 4.99 -12.43
CA LEU A 268 15.76 3.92 -12.11
C LEU A 268 17.13 4.44 -11.71
N LEU A 269 17.58 5.48 -12.40
CA LEU A 269 18.87 6.09 -12.10
C LEU A 269 18.80 6.81 -10.75
N LEU A 270 17.71 7.55 -10.57
CA LEU A 270 17.44 8.30 -9.36
C LEU A 270 17.46 7.40 -8.11
N SER A 271 16.93 6.19 -8.24
CA SER A 271 16.92 5.26 -7.11
C SER A 271 18.34 4.83 -6.77
N ARG A 272 19.11 4.53 -7.82
CA ARG A 272 20.50 4.09 -7.66
C ARG A 272 21.25 5.22 -6.99
N TRP A 273 20.98 6.44 -7.43
CA TRP A 273 21.64 7.62 -6.86
C TRP A 273 21.35 7.76 -5.37
N LYS A 274 20.08 7.67 -5.02
CA LYS A 274 19.67 7.77 -3.63
C LYS A 274 20.32 6.65 -2.81
N ALA A 275 20.45 5.48 -3.41
CA ALA A 275 21.05 4.34 -2.71
C ALA A 275 22.51 4.65 -2.32
N THR A 276 23.23 5.35 -3.18
CA THR A 276 24.63 5.69 -2.88
C THR A 276 24.66 6.77 -1.80
N ASP A 277 23.66 7.63 -1.79
CA ASP A 277 23.61 8.68 -0.79
C ASP A 277 23.45 8.07 0.60
N LEU A 278 22.49 7.16 0.74
CA LEU A 278 22.24 6.52 2.02
C LEU A 278 23.32 5.54 2.45
N PHE A 279 23.89 4.80 1.50
CA PHE A 279 24.93 3.85 1.84
C PHE A 279 26.24 4.57 2.15
N LEU A 280 26.39 5.75 1.59
CA LEU A 280 27.57 6.57 1.81
C LEU A 280 27.65 6.93 3.29
N LYS A 281 26.52 7.32 3.86
CA LYS A 281 26.46 7.68 5.26
C LYS A 281 26.81 6.48 6.11
N ASP A 282 26.27 5.32 5.75
CA ASP A 282 26.55 4.09 6.48
C ASP A 282 28.03 3.76 6.47
N ILE A 283 28.62 3.81 5.28
CA ILE A 283 30.04 3.50 5.12
C ILE A 283 30.94 4.48 5.87
N GLN A 284 30.59 5.76 5.87
CA GLN A 284 31.38 6.77 6.58
C GLN A 284 31.52 6.38 8.04
N VAL A 285 30.46 5.84 8.63
CA VAL A 285 30.51 5.43 10.03
C VAL A 285 31.54 4.32 10.20
N LEU A 286 31.39 3.26 9.42
CA LEU A 286 32.30 2.13 9.50
C LEU A 286 33.75 2.53 9.30
N VAL A 287 33.99 3.48 8.39
CA VAL A 287 35.35 3.95 8.12
C VAL A 287 35.95 4.61 9.38
N SER A 288 35.09 5.02 10.31
CA SER A 288 35.56 5.65 11.53
C SER A 288 35.68 4.70 12.69
N GLU A 289 34.68 3.84 12.86
CA GLU A 289 34.65 2.88 13.97
C GLU A 289 35.51 1.66 13.77
N LEU A 290 35.44 1.06 12.58
CA LEU A 290 36.24 -0.12 12.31
C LEU A 290 37.70 0.26 12.11
N SER A 291 38.42 0.45 13.20
CA SER A 291 39.83 0.80 13.14
C SER A 291 40.71 -0.30 13.71
N MET A 292 40.09 -1.33 14.28
CA MET A 292 40.85 -2.44 14.86
C MET A 292 41.95 -2.89 13.90
N VAL A 293 43.01 -3.45 14.49
CA VAL A 293 44.15 -3.91 13.71
C VAL A 293 44.14 -5.42 13.50
N GLU A 294 43.85 -6.18 14.55
CA GLU A 294 43.84 -7.64 14.45
C GLU A 294 42.76 -8.16 13.52
N ALA A 295 43.20 -8.90 12.50
CA ALA A 295 42.31 -9.48 11.50
C ALA A 295 42.77 -10.88 11.08
N THR A 296 41.84 -11.67 10.57
CA THR A 296 42.15 -13.03 10.12
C THR A 296 43.08 -12.99 8.92
N PRO A 297 43.83 -14.08 8.71
CA PRO A 297 44.77 -14.19 7.58
C PRO A 297 44.11 -13.86 6.24
N GLU A 298 42.99 -14.54 5.96
CA GLU A 298 42.26 -14.33 4.71
C GLU A 298 41.99 -12.85 4.44
N LEU A 299 41.40 -12.16 5.41
CA LEU A 299 41.11 -10.74 5.26
C LEU A 299 42.39 -9.97 4.99
N LEU A 300 43.46 -10.39 5.66
CA LEU A 300 44.76 -9.76 5.51
C LEU A 300 45.24 -9.88 4.07
N ALA A 301 44.68 -10.85 3.34
CA ALA A 301 45.06 -11.07 1.95
C ALA A 301 44.37 -10.05 1.05
N LEU A 302 43.05 -9.97 1.17
CA LEU A 302 42.26 -9.05 0.36
C LEU A 302 42.84 -7.63 0.39
N VAL A 303 43.44 -7.27 1.52
CA VAL A 303 44.04 -5.95 1.69
C VAL A 303 45.52 -5.99 1.34
N GLY A 304 46.18 -7.09 1.72
CA GLY A 304 47.59 -7.26 1.46
C GLY A 304 48.49 -6.13 1.94
N GLU A 305 49.43 -5.74 1.08
CA GLU A 305 50.36 -4.68 1.42
C GLU A 305 49.60 -3.32 1.43
N GLU A 306 50.10 -2.37 2.25
CA GLU A 306 49.45 -1.04 2.32
C GLU A 306 48.10 -1.13 3.02
N GLY A 307 47.65 -2.35 3.28
CA GLY A 307 46.38 -2.53 3.93
C GLY A 307 46.49 -3.38 5.19
N ALA A 308 47.71 -3.66 5.62
CA ALA A 308 47.91 -4.47 6.81
C ALA A 308 47.80 -3.61 8.07
N ALA A 309 48.11 -2.32 7.94
CA ALA A 309 48.05 -1.40 9.06
C ALA A 309 46.62 -1.30 9.57
N GLU A 310 45.69 -1.08 8.64
CA GLU A 310 44.27 -0.96 8.93
C GLU A 310 43.46 -1.75 7.90
N PRO A 311 43.42 -3.09 8.05
CA PRO A 311 42.69 -3.94 7.12
C PRO A 311 41.22 -3.54 6.90
N TYR A 312 40.44 -3.49 7.97
CA TYR A 312 39.04 -3.13 7.87
C TYR A 312 38.86 -1.72 7.33
N ARG A 313 39.52 -0.75 7.95
CA ARG A 313 39.43 0.65 7.53
C ARG A 313 39.81 0.76 6.06
N TYR A 314 40.59 -0.19 5.57
CA TYR A 314 41.03 -0.18 4.17
C TYR A 314 39.88 -0.47 3.22
N LEU A 315 39.34 -1.68 3.30
CA LEU A 315 38.24 -2.11 2.45
C LEU A 315 37.09 -1.10 2.43
N MET A 316 36.74 -0.55 3.58
CA MET A 316 35.65 0.42 3.66
C MET A 316 35.92 1.69 2.87
N LYS A 317 37.19 2.09 2.79
CA LYS A 317 37.53 3.30 2.04
C LYS A 317 37.49 3.06 0.53
N ASN A 318 37.71 1.82 0.11
CA ASN A 318 37.65 1.45 -1.30
C ASN A 318 36.19 1.39 -1.70
N LEU A 319 35.35 1.07 -0.73
CA LEU A 319 33.92 0.97 -0.93
C LEU A 319 33.38 2.39 -1.06
N ARG A 320 33.91 3.30 -0.25
CA ARG A 320 33.47 4.70 -0.29
C ARG A 320 33.87 5.36 -1.61
N SER A 321 35.04 5.01 -2.11
CA SER A 321 35.55 5.56 -3.36
C SER A 321 34.70 5.00 -4.48
N ARG A 322 34.38 3.71 -4.33
CA ARG A 322 33.55 3.00 -5.27
C ARG A 322 32.19 3.72 -5.35
N LEU A 323 31.55 3.94 -4.20
CA LEU A 323 30.26 4.61 -4.13
C LEU A 323 30.24 6.02 -4.70
N MET A 324 31.21 6.85 -4.32
CA MET A 324 31.28 8.23 -4.81
C MET A 324 31.48 8.25 -6.32
N ALA A 325 32.07 7.17 -6.83
CA ALA A 325 32.32 7.05 -8.25
C ALA A 325 31.00 6.91 -9.00
N THR A 326 30.22 5.88 -8.63
CA THR A 326 28.95 5.63 -9.27
C THR A 326 28.00 6.82 -9.06
N GLN A 327 27.98 7.36 -7.84
CA GLN A 327 27.12 8.50 -7.55
C GLN A 327 27.41 9.66 -8.49
N ALA A 328 28.69 9.89 -8.72
CA ALA A 328 29.15 10.94 -9.61
C ALA A 328 28.64 10.69 -11.02
N TRP A 329 28.75 9.45 -11.46
CA TRP A 329 28.29 9.06 -12.79
C TRP A 329 26.78 9.26 -12.93
N LEU A 330 26.05 8.77 -11.93
CA LEU A 330 24.59 8.88 -11.93
C LEU A 330 24.14 10.33 -12.05
N GLU A 331 24.74 11.21 -11.26
CA GLU A 331 24.39 12.63 -11.29
C GLU A 331 24.57 13.21 -12.69
N ALA A 332 25.52 12.65 -13.43
CA ALA A 332 25.79 13.11 -14.78
C ALA A 332 24.69 12.62 -15.72
N ARG A 333 24.38 11.32 -15.61
CA ARG A 333 23.35 10.72 -16.45
C ARG A 333 21.99 11.32 -16.14
N LEU A 334 21.79 11.71 -14.89
CA LEU A 334 20.53 12.28 -14.45
C LEU A 334 20.31 13.67 -15.04
N LYS A 335 21.38 14.33 -15.43
CA LYS A 335 21.31 15.66 -16.02
C LYS A 335 21.25 15.58 -17.53
N GLY A 336 21.27 14.36 -18.06
CA GLY A 336 21.21 14.16 -19.49
C GLY A 336 22.59 14.21 -20.13
N GLU A 337 23.62 14.04 -19.31
CA GLU A 337 24.98 14.07 -19.81
C GLU A 337 25.56 12.68 -19.95
N GLU A 338 25.95 12.33 -21.18
CA GLU A 338 26.54 11.03 -21.44
C GLU A 338 28.01 11.09 -21.03
N LEU A 339 28.54 9.95 -20.60
CA LEU A 339 29.92 9.89 -20.17
C LEU A 339 30.35 8.45 -19.93
N PRO A 340 31.57 8.09 -20.35
CA PRO A 340 32.04 6.72 -20.15
C PRO A 340 31.97 6.34 -18.67
N LYS A 341 31.22 5.27 -18.37
CA LYS A 341 31.06 4.80 -17.01
C LYS A 341 32.41 4.47 -16.39
N PRO A 342 32.63 4.86 -15.12
CA PRO A 342 33.89 4.62 -14.40
C PRO A 342 34.25 3.15 -14.23
N GLU A 343 35.28 2.88 -13.45
CA GLU A 343 35.73 1.52 -13.24
C GLU A 343 35.01 0.81 -12.11
N GLY A 344 34.99 1.44 -10.94
CA GLY A 344 34.34 0.84 -9.80
C GLY A 344 32.85 1.06 -9.74
N LEU A 345 32.22 1.27 -10.90
CA LEU A 345 30.78 1.49 -10.96
C LEU A 345 30.09 0.31 -10.31
N LEU A 346 29.17 0.61 -9.39
CA LEU A 346 28.42 -0.41 -8.69
C LEU A 346 27.10 -0.68 -9.41
N THR A 347 26.79 -1.95 -9.63
CA THR A 347 25.55 -2.32 -10.31
C THR A 347 24.91 -3.56 -9.71
N GLN A 348 25.63 -4.23 -8.81
CA GLN A 348 25.12 -5.43 -8.17
C GLN A 348 25.33 -5.42 -6.66
N ASN A 349 24.30 -5.79 -5.92
CA ASN A 349 24.37 -5.85 -4.47
C ASN A 349 25.56 -6.70 -4.00
N GLU A 350 25.91 -7.70 -4.81
CA GLU A 350 27.01 -8.60 -4.48
C GLU A 350 28.31 -7.82 -4.30
N GLU A 351 28.44 -6.73 -5.05
CA GLU A 351 29.64 -5.91 -4.97
C GLU A 351 29.76 -5.20 -3.63
N LEU A 352 28.62 -4.89 -3.01
CA LEU A 352 28.59 -4.22 -1.70
C LEU A 352 28.72 -5.25 -0.59
N TRP A 353 28.00 -6.36 -0.74
CA TRP A 353 28.01 -7.43 0.25
C TRP A 353 29.39 -8.08 0.46
N GLU A 354 30.12 -8.29 -0.63
CA GLU A 354 31.44 -8.93 -0.58
C GLU A 354 32.37 -8.35 0.49
N PRO A 355 32.81 -7.08 0.31
CA PRO A 355 33.71 -6.48 1.31
C PRO A 355 33.14 -6.38 2.72
N LEU A 356 31.89 -5.95 2.84
CA LEU A 356 31.26 -5.81 4.15
C LEU A 356 31.19 -7.16 4.86
N TYR A 357 30.78 -8.19 4.14
CA TYR A 357 30.67 -9.51 4.75
C TYR A 357 32.04 -10.03 5.18
N ALA A 358 33.08 -9.69 4.43
CA ALA A 358 34.43 -10.12 4.75
C ALA A 358 34.81 -9.53 6.10
N CYS A 359 34.70 -8.21 6.22
CA CYS A 359 35.01 -7.54 7.47
C CYS A 359 34.27 -8.22 8.63
N TYR A 360 33.00 -8.52 8.42
CA TYR A 360 32.16 -9.17 9.42
C TYR A 360 32.76 -10.50 9.85
N GLN A 361 33.05 -11.35 8.87
CA GLN A 361 33.63 -12.67 9.10
C GLN A 361 34.88 -12.58 9.96
N SER A 362 35.75 -11.66 9.59
CA SER A 362 36.99 -11.44 10.31
C SER A 362 36.70 -11.08 11.77
N LEU A 363 36.10 -9.90 11.99
CA LEU A 363 35.77 -9.42 13.33
C LEU A 363 35.17 -10.51 14.22
N GLN A 364 34.34 -11.37 13.64
CA GLN A 364 33.68 -12.44 14.37
C GLN A 364 34.71 -13.48 14.85
N ALA A 365 35.67 -13.78 13.99
CA ALA A 365 36.71 -14.76 14.32
C ALA A 365 37.71 -14.22 15.33
N CYS A 366 38.27 -13.05 15.05
CA CYS A 366 39.25 -12.44 15.94
C CYS A 366 38.65 -11.92 17.25
N GLY A 367 37.56 -12.53 17.69
CA GLY A 367 36.92 -12.16 18.94
C GLY A 367 36.40 -10.73 19.08
N MET A 368 35.53 -10.31 18.16
CA MET A 368 34.96 -8.97 18.21
C MET A 368 33.54 -8.99 17.65
N GLY A 369 32.79 -10.00 18.07
CA GLY A 369 31.42 -10.13 17.62
C GLY A 369 30.53 -8.98 18.02
N ILE A 370 30.74 -8.42 19.20
CA ILE A 370 29.91 -7.32 19.66
C ILE A 370 30.01 -6.18 18.65
N ILE A 371 31.18 -5.98 18.07
CA ILE A 371 31.37 -4.91 17.08
C ILE A 371 30.72 -5.30 15.75
N ALA A 372 31.05 -6.50 15.26
CA ALA A 372 30.52 -6.98 13.98
C ALA A 372 29.00 -6.92 13.93
N ASN A 373 28.36 -7.40 14.98
CA ASN A 373 26.91 -7.41 15.04
C ASN A 373 26.32 -6.05 15.43
N GLY A 374 27.09 -4.99 15.20
CA GLY A 374 26.64 -3.65 15.52
C GLY A 374 26.20 -2.93 14.27
N ASP A 375 26.84 -1.80 13.95
CA ASP A 375 26.48 -1.04 12.76
C ASP A 375 26.73 -1.83 11.47
N LEU A 376 27.73 -2.71 11.49
CA LEU A 376 28.07 -3.53 10.32
C LEU A 376 26.91 -4.43 9.92
N LEU A 377 26.36 -5.16 10.89
CA LEU A 377 25.25 -6.07 10.64
C LEU A 377 24.04 -5.33 10.05
N ASP A 378 23.87 -4.07 10.45
CA ASP A 378 22.76 -3.27 9.96
C ASP A 378 22.93 -2.93 8.49
N THR A 379 24.11 -2.45 8.12
CA THR A 379 24.37 -2.07 6.72
C THR A 379 24.32 -3.31 5.83
N LEU A 380 24.78 -4.43 6.38
CA LEU A 380 24.81 -5.68 5.67
C LEU A 380 23.37 -6.09 5.30
N ARG A 381 22.44 -5.90 6.23
CA ARG A 381 21.04 -6.24 6.01
C ARG A 381 20.35 -5.27 5.07
N ARG A 382 20.76 -4.01 5.10
CA ARG A 382 20.19 -3.01 4.23
C ARG A 382 20.63 -3.28 2.81
N VAL A 383 21.69 -4.06 2.65
CA VAL A 383 22.18 -4.38 1.32
C VAL A 383 21.26 -5.35 0.61
N LYS A 384 20.82 -6.37 1.33
CA LYS A 384 19.94 -7.39 0.76
C LYS A 384 18.49 -6.96 0.72
N CYS A 385 18.10 -6.01 1.57
CA CYS A 385 16.73 -5.54 1.60
C CYS A 385 16.48 -4.38 0.65
N PHE A 386 17.50 -3.55 0.46
CA PHE A 386 17.41 -2.40 -0.43
C PHE A 386 18.41 -2.52 -1.57
N GLY A 387 19.68 -2.63 -1.22
CA GLY A 387 20.71 -2.77 -2.22
C GLY A 387 20.93 -1.58 -3.15
N VAL A 388 21.71 -1.85 -4.20
CA VAL A 388 22.07 -0.88 -5.23
C VAL A 388 20.90 -0.11 -5.82
N PRO A 389 19.80 -0.80 -6.17
CA PRO A 389 18.65 -0.10 -6.74
C PRO A 389 17.82 0.64 -5.70
N LEU A 390 18.14 0.36 -4.43
CA LEU A 390 17.47 0.94 -3.25
C LEU A 390 16.15 0.22 -3.00
N VAL A 391 15.26 0.32 -4.00
CA VAL A 391 13.96 -0.31 -3.98
C VAL A 391 13.68 -0.74 -5.41
N ARG A 392 13.57 -2.06 -5.64
CA ARG A 392 13.29 -2.57 -6.98
C ARG A 392 11.92 -2.07 -7.39
N ILE A 393 11.57 -2.23 -8.65
CA ILE A 393 10.27 -1.78 -9.11
C ILE A 393 9.65 -2.82 -10.03
N ASP A 394 8.33 -2.81 -10.14
CA ASP A 394 7.64 -3.73 -11.03
C ASP A 394 7.18 -2.90 -12.19
N ILE A 395 7.00 -3.54 -13.34
CA ILE A 395 6.47 -2.84 -14.49
C ILE A 395 5.08 -3.45 -14.63
N ARG A 396 4.08 -2.61 -14.87
CA ARG A 396 2.73 -3.12 -15.03
C ARG A 396 2.07 -2.37 -16.21
N GLN A 397 1.51 -3.13 -17.13
CA GLN A 397 0.84 -2.59 -18.31
C GLN A 397 -0.32 -3.52 -18.60
N GLU A 398 -1.36 -3.02 -19.26
CA GLU A 398 -2.51 -3.89 -19.53
C GLU A 398 -2.31 -4.78 -20.75
N SER A 399 -2.90 -5.98 -20.67
CA SER A 399 -2.80 -6.96 -21.75
C SER A 399 -3.13 -6.35 -23.11
N THR A 400 -4.15 -5.51 -23.14
CA THR A 400 -4.59 -4.86 -24.36
C THR A 400 -3.50 -4.15 -25.15
N ARG A 401 -2.66 -3.38 -24.45
CA ARG A 401 -1.57 -2.66 -25.09
C ARG A 401 -0.59 -3.60 -25.77
N HIS A 402 -0.35 -4.76 -25.15
CA HIS A 402 0.56 -5.76 -25.69
C HIS A 402 -0.06 -6.35 -26.93
N THR A 403 -1.34 -6.64 -26.86
CA THR A 403 -2.07 -7.20 -27.99
C THR A 403 -2.01 -6.21 -29.17
N GLU A 404 -2.35 -4.95 -28.92
CA GLU A 404 -2.36 -3.97 -29.99
C GLU A 404 -1.00 -3.74 -30.64
N ALA A 405 0.08 -3.80 -29.87
CA ALA A 405 1.44 -3.61 -30.39
C ALA A 405 1.88 -4.79 -31.28
N LEU A 406 1.49 -5.98 -30.85
CA LEU A 406 1.81 -7.21 -31.57
C LEU A 406 1.02 -7.25 -32.88
N GLY A 407 -0.24 -6.83 -32.82
CA GLY A 407 -1.07 -6.82 -34.01
C GLY A 407 -0.51 -5.84 -35.03
N GLU A 408 0.04 -4.73 -34.55
CA GLU A 408 0.60 -3.74 -35.45
C GLU A 408 1.88 -4.33 -36.07
N LEU A 409 2.65 -5.03 -35.25
CA LEU A 409 3.87 -5.63 -35.73
C LEU A 409 3.61 -6.69 -36.80
N THR A 410 2.63 -7.57 -36.58
CA THR A 410 2.32 -8.61 -37.55
C THR A 410 1.75 -8.05 -38.85
N ARG A 411 0.92 -7.01 -38.75
CA ARG A 411 0.36 -6.42 -39.96
C ARG A 411 1.45 -5.75 -40.81
N TYR A 412 2.42 -5.14 -40.14
CA TYR A 412 3.50 -4.48 -40.85
C TYR A 412 4.36 -5.49 -41.62
N LEU A 413 4.61 -6.64 -41.00
CA LEU A 413 5.42 -7.69 -41.62
C LEU A 413 4.69 -8.51 -42.66
N GLY A 414 3.37 -8.31 -42.77
CA GLY A 414 2.60 -9.07 -43.74
C GLY A 414 2.25 -10.47 -43.28
N ILE A 415 2.56 -10.78 -42.02
CA ILE A 415 2.28 -12.10 -41.44
C ILE A 415 0.79 -12.29 -41.23
N GLY A 416 0.09 -11.21 -40.91
CA GLY A 416 -1.34 -11.32 -40.65
C GLY A 416 -1.75 -10.37 -39.54
N ASP A 417 -2.92 -10.56 -38.97
CA ASP A 417 -3.36 -9.68 -37.91
C ASP A 417 -3.59 -10.40 -36.58
N TYR A 418 -2.60 -10.31 -35.70
CA TYR A 418 -2.65 -10.94 -34.38
C TYR A 418 -3.97 -10.64 -33.66
N GLU A 419 -4.38 -9.37 -33.70
CA GLU A 419 -5.62 -8.95 -33.04
C GLU A 419 -6.88 -9.72 -33.47
N SER A 420 -6.85 -10.34 -34.65
CA SER A 420 -8.02 -11.06 -35.14
C SER A 420 -7.87 -12.58 -35.14
N TRP A 421 -6.76 -13.09 -34.63
CA TRP A 421 -6.58 -14.53 -34.58
C TRP A 421 -7.20 -15.08 -33.31
N SER A 422 -7.67 -16.31 -33.40
CA SER A 422 -8.27 -17.00 -32.28
C SER A 422 -7.18 -17.25 -31.24
N GLU A 423 -7.59 -17.62 -30.03
CA GLU A 423 -6.65 -17.90 -28.96
C GLU A 423 -5.65 -18.98 -29.38
N ALA A 424 -6.14 -20.02 -30.06
CA ALA A 424 -5.31 -21.13 -30.52
C ALA A 424 -4.20 -20.65 -31.46
N ASP A 425 -4.59 -19.86 -32.48
CA ASP A 425 -3.65 -19.31 -33.46
C ASP A 425 -2.61 -18.41 -32.79
N LYS A 426 -3.05 -17.59 -31.84
CA LYS A 426 -2.13 -16.72 -31.12
C LYS A 426 -1.08 -17.55 -30.40
N GLN A 427 -1.53 -18.56 -29.65
CA GLN A 427 -0.61 -19.44 -28.94
C GLN A 427 0.36 -20.08 -29.90
N ALA A 428 -0.16 -20.56 -31.02
CA ALA A 428 0.67 -21.20 -32.05
C ALA A 428 1.76 -20.21 -32.50
N PHE A 429 1.33 -19.02 -32.89
CA PHE A 429 2.24 -17.99 -33.35
C PHE A 429 3.30 -17.64 -32.31
N LEU A 430 2.87 -17.42 -31.07
CA LEU A 430 3.79 -17.05 -30.00
C LEU A 430 4.79 -18.14 -29.64
N ILE A 431 4.34 -19.38 -29.57
CA ILE A 431 5.26 -20.45 -29.22
C ILE A 431 6.30 -20.64 -30.33
N ARG A 432 5.86 -20.44 -31.57
CA ARG A 432 6.73 -20.58 -32.73
C ARG A 432 7.82 -19.51 -32.68
N GLU A 433 7.43 -18.26 -32.47
CA GLU A 433 8.40 -17.17 -32.42
C GLU A 433 9.25 -17.14 -31.15
N LEU A 434 8.76 -17.71 -30.05
CA LEU A 434 9.54 -17.75 -28.83
C LEU A 434 10.70 -18.73 -28.98
N ASN A 435 10.52 -19.75 -29.82
CA ASN A 435 11.58 -20.73 -30.06
C ASN A 435 12.48 -20.33 -31.22
N SER A 436 12.05 -19.34 -31.99
CA SER A 436 12.79 -18.87 -33.15
C SER A 436 14.10 -18.13 -32.86
N LYS A 437 15.12 -18.38 -33.68
CA LYS A 437 16.40 -17.70 -33.52
C LYS A 437 16.49 -16.50 -34.43
N ARG A 438 15.53 -16.39 -35.36
CA ARG A 438 15.52 -15.25 -36.26
C ARG A 438 14.69 -14.14 -35.61
N PRO A 439 15.28 -12.93 -35.51
CA PRO A 439 14.57 -11.80 -34.90
C PRO A 439 13.22 -11.54 -35.56
N LEU A 440 12.34 -10.83 -34.87
CA LEU A 440 11.02 -10.54 -35.41
C LEU A 440 10.83 -9.03 -35.53
N LEU A 441 11.40 -8.31 -34.57
CA LEU A 441 11.28 -6.86 -34.53
C LEU A 441 12.16 -6.17 -35.58
N PRO A 442 11.55 -5.38 -36.49
CA PRO A 442 12.29 -4.67 -37.54
C PRO A 442 13.30 -3.68 -36.96
N ARG A 443 14.45 -3.54 -37.63
CA ARG A 443 15.48 -2.63 -37.15
C ARG A 443 15.03 -1.16 -37.25
N ASN A 444 14.57 -0.77 -38.42
CA ASN A 444 14.09 0.60 -38.64
C ASN A 444 12.60 0.58 -38.87
N TRP A 445 11.86 0.76 -37.78
CA TRP A 445 10.41 0.74 -37.83
C TRP A 445 9.85 2.00 -37.18
N GLN A 446 8.80 2.54 -37.79
CA GLN A 446 8.14 3.73 -37.29
C GLN A 446 6.72 3.39 -36.85
N PRO A 447 6.56 2.68 -35.73
CA PRO A 447 5.23 2.30 -35.24
C PRO A 447 4.50 3.47 -34.57
N SER A 448 3.22 3.26 -34.27
CA SER A 448 2.42 4.29 -33.62
C SER A 448 2.99 4.62 -32.24
N ALA A 449 2.55 5.75 -31.70
CA ALA A 449 3.01 6.21 -30.38
C ALA A 449 2.85 5.14 -29.31
N GLU A 450 1.62 4.63 -29.16
CA GLU A 450 1.34 3.63 -28.15
C GLU A 450 2.21 2.39 -28.28
N THR A 451 2.30 1.86 -29.49
CA THR A 451 3.09 0.66 -29.71
C THR A 451 4.56 0.92 -29.37
N ARG A 452 5.05 2.10 -29.73
CA ARG A 452 6.44 2.44 -29.44
C ARG A 452 6.71 2.44 -27.93
N GLU A 453 5.77 2.98 -27.14
CA GLU A 453 5.94 3.00 -25.68
C GLU A 453 6.05 1.58 -25.15
N VAL A 454 5.24 0.68 -25.69
CA VAL A 454 5.29 -0.70 -25.27
C VAL A 454 6.66 -1.28 -25.60
N LEU A 455 7.21 -0.91 -26.75
CA LEU A 455 8.52 -1.42 -27.15
C LEU A 455 9.68 -0.81 -26.37
N ASP A 456 9.64 0.50 -26.13
CA ASP A 456 10.70 1.17 -25.38
C ASP A 456 10.78 0.70 -23.92
N THR A 457 9.62 0.54 -23.29
CA THR A 457 9.58 0.10 -21.90
C THR A 457 10.36 -1.21 -21.78
N CYS A 458 10.12 -2.13 -22.69
CA CYS A 458 10.81 -3.42 -22.66
C CYS A 458 12.29 -3.23 -22.87
N GLN A 459 12.68 -2.19 -23.62
CA GLN A 459 14.09 -1.93 -23.86
C GLN A 459 14.75 -1.43 -22.58
N VAL A 460 14.00 -0.68 -21.78
CA VAL A 460 14.51 -0.17 -20.51
C VAL A 460 14.76 -1.36 -19.58
N ILE A 461 13.84 -2.32 -19.56
CA ILE A 461 13.98 -3.51 -18.72
C ILE A 461 15.24 -4.30 -19.06
N ALA A 462 15.52 -4.44 -20.36
CA ALA A 462 16.67 -5.18 -20.85
C ALA A 462 18.00 -4.46 -20.60
N GLU A 463 17.96 -3.13 -20.56
CA GLU A 463 19.17 -2.33 -20.33
C GLU A 463 19.50 -2.15 -18.84
N ALA A 464 18.48 -2.02 -18.01
CA ALA A 464 18.68 -1.83 -16.58
C ALA A 464 19.46 -2.99 -16.00
N PRO A 465 20.35 -2.72 -15.03
CA PRO A 465 21.13 -3.79 -14.41
C PRO A 465 20.19 -4.87 -13.92
N GLN A 466 20.65 -6.11 -13.96
CA GLN A 466 19.83 -7.22 -13.50
C GLN A 466 19.63 -7.04 -11.99
N GLY A 467 18.37 -7.00 -11.57
CA GLY A 467 18.05 -6.83 -10.17
C GLY A 467 17.33 -5.52 -9.92
N SER A 468 17.18 -4.71 -10.96
CA SER A 468 16.49 -3.43 -10.89
C SER A 468 14.98 -3.61 -10.96
N ILE A 469 14.53 -4.49 -11.86
CA ILE A 469 13.10 -4.76 -12.02
C ILE A 469 12.80 -6.10 -11.38
N ALA A 470 11.78 -6.15 -10.52
CA ALA A 470 11.43 -7.39 -9.85
C ALA A 470 10.46 -8.28 -10.63
N ALA A 471 9.41 -7.67 -11.17
CA ALA A 471 8.41 -8.41 -11.92
C ALA A 471 7.69 -7.55 -12.94
N TYR A 472 7.04 -8.22 -13.89
CA TYR A 472 6.28 -7.55 -14.92
C TYR A 472 4.86 -8.04 -14.71
N VAL A 473 3.96 -7.13 -14.32
CA VAL A 473 2.56 -7.49 -14.06
C VAL A 473 1.69 -7.12 -15.26
N ILE A 474 0.77 -8.02 -15.60
CA ILE A 474 -0.12 -7.81 -16.73
C ILE A 474 -1.56 -7.58 -16.26
N SER A 475 -2.02 -6.32 -16.27
CA SER A 475 -3.39 -6.01 -15.87
C SER A 475 -4.34 -6.63 -16.89
N MET A 476 -5.57 -6.91 -16.45
CA MET A 476 -6.57 -7.50 -17.32
C MET A 476 -6.14 -8.79 -18.02
N ALA A 477 -5.40 -9.66 -17.34
CA ALA A 477 -4.99 -10.92 -17.96
C ALA A 477 -6.24 -11.79 -18.08
N LYS A 478 -6.43 -12.41 -19.25
CA LYS A 478 -7.59 -13.24 -19.46
C LYS A 478 -7.26 -14.59 -20.04
N THR A 479 -6.27 -14.61 -20.93
CA THR A 479 -5.91 -15.83 -21.63
C THR A 479 -4.43 -16.18 -21.52
N PRO A 480 -4.05 -17.41 -21.91
CA PRO A 480 -2.65 -17.82 -21.84
C PRO A 480 -1.78 -16.95 -22.75
N SER A 481 -2.33 -16.55 -23.89
CA SER A 481 -1.58 -15.74 -24.83
C SER A 481 -1.21 -14.39 -24.24
N ASP A 482 -1.98 -13.89 -23.27
CA ASP A 482 -1.65 -12.61 -22.66
C ASP A 482 -0.31 -12.72 -21.95
N VAL A 483 -0.05 -13.87 -21.36
CA VAL A 483 1.20 -14.09 -20.64
C VAL A 483 2.35 -14.32 -21.60
N LEU A 484 2.12 -15.12 -22.63
CA LEU A 484 3.15 -15.44 -23.62
C LEU A 484 3.55 -14.22 -24.43
N ALA A 485 2.58 -13.36 -24.74
CA ALA A 485 2.84 -12.15 -25.51
C ALA A 485 3.97 -11.34 -24.88
N VAL A 486 3.85 -11.06 -23.59
CA VAL A 486 4.86 -10.30 -22.88
C VAL A 486 6.23 -10.99 -22.90
N HIS A 487 6.25 -12.31 -22.71
CA HIS A 487 7.51 -13.03 -22.75
C HIS A 487 8.15 -12.87 -24.15
N LEU A 488 7.33 -12.77 -25.18
CA LEU A 488 7.86 -12.62 -26.52
C LEU A 488 8.47 -11.24 -26.70
N LEU A 489 7.77 -10.19 -26.26
CA LEU A 489 8.30 -8.83 -26.39
C LEU A 489 9.60 -8.67 -25.60
N LEU A 490 9.66 -9.26 -24.41
CA LEU A 490 10.86 -9.17 -23.61
C LEU A 490 12.00 -9.87 -24.35
N LYS A 491 11.68 -10.91 -25.11
CA LYS A 491 12.68 -11.68 -25.87
C LYS A 491 13.22 -10.83 -27.02
N GLU A 492 12.33 -10.16 -27.74
CA GLU A 492 12.73 -9.32 -28.86
C GLU A 492 13.36 -8.03 -28.36
N ALA A 493 13.47 -7.89 -27.04
CA ALA A 493 14.05 -6.70 -26.44
C ALA A 493 15.51 -6.95 -26.08
N GLY A 494 15.88 -8.21 -25.94
CA GLY A 494 17.25 -8.55 -25.60
C GLY A 494 17.41 -8.94 -24.15
N ILE A 495 16.28 -9.14 -23.46
CA ILE A 495 16.33 -9.54 -22.06
C ILE A 495 17.30 -10.71 -21.96
N GLY A 496 18.25 -10.61 -21.05
CA GLY A 496 19.24 -11.68 -20.91
C GLY A 496 19.11 -12.52 -19.67
N PHE A 497 17.90 -12.57 -19.09
CA PHE A 497 17.68 -13.35 -17.88
C PHE A 497 16.20 -13.63 -17.66
N ALA A 498 15.91 -14.44 -16.65
CA ALA A 498 14.54 -14.81 -16.31
C ALA A 498 13.84 -13.61 -15.70
N MET A 499 12.63 -13.33 -16.19
CA MET A 499 11.86 -12.19 -15.71
C MET A 499 10.48 -12.67 -15.29
N PRO A 500 10.17 -12.60 -13.99
CA PRO A 500 8.87 -13.02 -13.46
C PRO A 500 7.74 -12.25 -14.14
N VAL A 501 6.88 -12.95 -14.85
CA VAL A 501 5.74 -12.32 -15.52
C VAL A 501 4.51 -12.83 -14.81
N ALA A 502 3.77 -11.92 -14.17
CA ALA A 502 2.60 -12.31 -13.43
C ALA A 502 1.29 -11.82 -14.01
N PRO A 503 0.31 -12.72 -14.16
CA PRO A 503 -0.98 -12.28 -14.71
C PRO A 503 -1.75 -11.60 -13.58
N LEU A 504 -2.54 -10.59 -13.91
CA LEU A 504 -3.36 -9.94 -12.91
C LEU A 504 -4.82 -10.21 -13.28
N PHE A 505 -5.49 -11.02 -12.47
CA PHE A 505 -6.90 -11.35 -12.70
C PHE A 505 -7.69 -10.38 -11.81
N GLU A 506 -8.34 -9.40 -12.43
CA GLU A 506 -9.05 -8.38 -11.68
C GLU A 506 -10.52 -8.28 -12.08
N THR A 507 -11.13 -9.42 -12.33
CA THR A 507 -12.52 -9.48 -12.76
C THR A 507 -13.15 -10.75 -12.22
N LEU A 508 -14.47 -10.73 -12.01
CA LEU A 508 -15.14 -11.92 -11.51
C LEU A 508 -14.91 -13.08 -12.48
N ASP A 509 -15.20 -12.87 -13.76
CA ASP A 509 -15.03 -13.89 -14.78
C ASP A 509 -13.57 -14.36 -14.87
N ASP A 510 -12.65 -13.40 -14.97
CA ASP A 510 -11.24 -13.75 -15.06
C ASP A 510 -10.75 -14.57 -13.87
N LEU A 511 -11.25 -14.24 -12.68
CA LEU A 511 -10.87 -14.97 -11.47
C LEU A 511 -11.40 -16.40 -11.52
N ASN A 512 -12.59 -16.57 -12.10
CA ASN A 512 -13.17 -17.90 -12.21
C ASN A 512 -12.40 -18.75 -13.23
N ASN A 513 -11.86 -18.10 -14.26
CA ASN A 513 -11.10 -18.78 -15.28
C ASN A 513 -9.62 -18.86 -14.95
N ALA A 514 -9.19 -18.07 -13.97
CA ALA A 514 -7.78 -18.04 -13.60
C ALA A 514 -7.15 -19.43 -13.60
N ASN A 515 -7.73 -20.35 -12.83
CA ASN A 515 -7.18 -21.70 -12.76
C ASN A 515 -7.07 -22.41 -14.12
N ASP A 516 -8.10 -22.30 -14.96
CA ASP A 516 -8.03 -22.94 -16.27
C ASP A 516 -6.89 -22.33 -17.08
N VAL A 517 -6.81 -21.01 -17.08
CA VAL A 517 -5.76 -20.29 -17.80
C VAL A 517 -4.37 -20.76 -17.38
N MET A 518 -4.18 -20.98 -16.08
CA MET A 518 -2.86 -21.41 -15.61
C MET A 518 -2.59 -22.88 -15.92
N THR A 519 -3.65 -23.69 -15.91
CA THR A 519 -3.51 -25.11 -16.19
C THR A 519 -3.03 -25.27 -17.61
N GLN A 520 -3.64 -24.50 -18.50
CA GLN A 520 -3.27 -24.53 -19.90
C GLN A 520 -1.82 -24.05 -20.05
N LEU A 521 -1.45 -22.98 -19.36
CA LEU A 521 -0.07 -22.49 -19.46
C LEU A 521 0.93 -23.55 -19.02
N LEU A 522 0.67 -24.18 -17.89
CA LEU A 522 1.57 -25.20 -17.37
C LEU A 522 1.61 -26.47 -18.22
N ASN A 523 0.66 -26.64 -19.14
CA ASN A 523 0.65 -27.81 -20.02
C ASN A 523 1.55 -27.58 -21.22
N ILE A 524 1.97 -26.35 -21.42
CA ILE A 524 2.87 -26.02 -22.53
C ILE A 524 4.29 -26.28 -22.02
N ASP A 525 4.84 -27.44 -22.34
CA ASP A 525 6.19 -27.83 -21.92
C ASP A 525 7.22 -26.72 -21.99
N TRP A 526 7.20 -25.96 -23.08
CA TRP A 526 8.15 -24.88 -23.26
C TRP A 526 8.04 -23.84 -22.14
N TYR A 527 6.81 -23.44 -21.84
CA TYR A 527 6.55 -22.47 -20.80
C TYR A 527 6.97 -22.96 -19.42
N ARG A 528 6.92 -24.27 -19.19
CA ARG A 528 7.33 -24.81 -17.90
C ARG A 528 8.83 -24.66 -17.70
N GLY A 529 9.58 -24.75 -18.80
CA GLY A 529 11.03 -24.65 -18.72
C GLY A 529 11.53 -23.23 -18.67
N LEU A 530 10.62 -22.29 -18.84
CA LEU A 530 10.96 -20.89 -18.83
C LEU A 530 10.82 -20.29 -17.43
N ILE A 531 9.80 -20.73 -16.70
CA ILE A 531 9.52 -20.22 -15.36
C ILE A 531 10.38 -20.80 -14.23
N GLN A 532 11.22 -21.78 -14.55
CA GLN A 532 12.10 -22.40 -13.54
C GLN A 532 11.35 -22.83 -12.29
N GLY A 533 10.19 -23.46 -12.44
CA GLY A 533 9.45 -23.90 -11.27
C GLY A 533 8.87 -22.80 -10.39
N LYS A 534 8.89 -21.56 -10.85
CA LYS A 534 8.38 -20.44 -10.08
C LYS A 534 7.39 -19.59 -10.86
N GLN A 535 6.17 -19.46 -10.32
CA GLN A 535 5.11 -18.68 -10.95
C GLN A 535 4.50 -17.66 -9.98
N MET A 536 4.21 -16.47 -10.48
CA MET A 536 3.62 -15.43 -9.66
C MET A 536 2.28 -15.07 -10.26
N VAL A 537 1.26 -14.95 -9.42
CA VAL A 537 -0.07 -14.58 -9.89
C VAL A 537 -0.57 -13.44 -9.02
N MET A 538 -1.27 -12.49 -9.63
CA MET A 538 -1.79 -11.37 -8.88
C MET A 538 -3.31 -11.43 -8.82
N ILE A 539 -3.85 -11.15 -7.64
CA ILE A 539 -5.29 -11.15 -7.41
C ILE A 539 -5.72 -9.69 -7.25
N GLY A 540 -6.62 -9.25 -8.12
CA GLY A 540 -7.09 -7.88 -8.03
C GLY A 540 -8.43 -7.84 -7.36
N TYR A 541 -8.42 -7.78 -6.03
CA TYR A 541 -9.65 -7.76 -5.25
C TYR A 541 -10.46 -6.48 -5.43
N SER A 542 -9.79 -5.33 -5.38
CA SER A 542 -10.48 -4.06 -5.53
C SER A 542 -11.28 -3.96 -6.83
N ASP A 543 -10.65 -4.29 -7.95
CA ASP A 543 -11.35 -4.20 -9.23
C ASP A 543 -12.45 -5.24 -9.33
N SER A 544 -12.20 -6.43 -8.80
CA SER A 544 -13.21 -7.49 -8.81
C SER A 544 -14.42 -7.11 -7.98
N ALA A 545 -14.19 -6.45 -6.85
CA ALA A 545 -15.27 -6.03 -5.96
C ALA A 545 -16.11 -4.97 -6.67
N LYS A 546 -15.45 -4.15 -7.48
CA LYS A 546 -16.09 -3.08 -8.25
C LYS A 546 -16.93 -3.69 -9.36
N ASP A 547 -16.55 -4.89 -9.77
CA ASP A 547 -17.23 -5.61 -10.84
C ASP A 547 -18.49 -6.34 -10.36
N ALA A 548 -18.38 -7.06 -9.25
CA ALA A 548 -19.51 -7.83 -8.73
C ALA A 548 -19.88 -7.65 -7.26
N GLY A 549 -19.22 -6.74 -6.56
CA GLY A 549 -19.52 -6.54 -5.15
C GLY A 549 -18.53 -7.31 -4.29
N VAL A 550 -18.31 -6.85 -3.06
CA VAL A 550 -17.37 -7.51 -2.20
C VAL A 550 -17.64 -8.97 -1.87
N MET A 551 -18.91 -9.34 -1.66
CA MET A 551 -19.26 -10.74 -1.34
C MET A 551 -18.78 -11.72 -2.41
N ALA A 552 -19.27 -11.54 -3.64
CA ALA A 552 -18.90 -12.39 -4.76
C ALA A 552 -17.39 -12.36 -4.98
N ALA A 553 -16.86 -11.14 -5.00
CA ALA A 553 -15.44 -10.95 -5.18
C ALA A 553 -14.65 -11.83 -4.21
N SER A 554 -14.94 -11.69 -2.93
CA SER A 554 -14.26 -12.47 -1.89
C SER A 554 -14.31 -13.97 -2.12
N TRP A 555 -15.51 -14.50 -2.35
CA TRP A 555 -15.68 -15.91 -2.58
C TRP A 555 -14.93 -16.36 -3.83
N ALA A 556 -14.97 -15.54 -4.89
CA ALA A 556 -14.27 -15.89 -6.11
C ALA A 556 -12.77 -15.93 -5.86
N GLN A 557 -12.26 -14.96 -5.10
CA GLN A 557 -10.84 -14.92 -4.80
C GLN A 557 -10.39 -16.15 -4.01
N TYR A 558 -11.22 -16.60 -3.07
CA TYR A 558 -10.90 -17.75 -2.25
C TYR A 558 -10.78 -19.02 -3.10
N GLN A 559 -11.78 -19.25 -3.93
CA GLN A 559 -11.81 -20.42 -4.81
C GLN A 559 -10.66 -20.44 -5.80
N ALA A 560 -10.37 -19.27 -6.38
CA ALA A 560 -9.29 -19.14 -7.36
C ALA A 560 -7.93 -19.48 -6.73
N GLN A 561 -7.66 -18.92 -5.55
CA GLN A 561 -6.40 -19.18 -4.86
C GLN A 561 -6.24 -20.66 -4.49
N ASP A 562 -7.33 -21.24 -3.99
CA ASP A 562 -7.31 -22.63 -3.58
C ASP A 562 -7.02 -23.54 -4.76
N ALA A 563 -7.65 -23.26 -5.91
CA ALA A 563 -7.46 -24.04 -7.13
C ALA A 563 -6.03 -23.89 -7.64
N LEU A 564 -5.56 -22.65 -7.69
CA LEU A 564 -4.22 -22.39 -8.16
C LEU A 564 -3.18 -23.06 -7.27
N ILE A 565 -3.38 -23.02 -5.96
CA ILE A 565 -2.45 -23.64 -5.03
C ILE A 565 -2.28 -25.11 -5.37
N LYS A 566 -3.40 -25.81 -5.54
CA LYS A 566 -3.38 -27.23 -5.86
C LYS A 566 -2.81 -27.51 -7.25
N THR A 567 -3.22 -26.72 -8.23
CA THR A 567 -2.72 -26.91 -9.58
C THR A 567 -1.19 -26.81 -9.62
N CYS A 568 -0.63 -25.88 -8.87
CA CYS A 568 0.81 -25.74 -8.86
C CYS A 568 1.49 -26.80 -8.00
N GLU A 569 0.91 -27.09 -6.84
CA GLU A 569 1.46 -28.09 -5.94
C GLU A 569 1.65 -29.40 -6.70
N LYS A 570 0.62 -29.78 -7.43
CA LYS A 570 0.60 -31.00 -8.23
C LYS A 570 1.65 -30.97 -9.34
N ALA A 571 1.84 -29.79 -9.94
CA ALA A 571 2.80 -29.63 -11.03
C ALA A 571 4.22 -29.31 -10.55
N GLY A 572 4.42 -29.31 -9.24
CA GLY A 572 5.74 -29.03 -8.69
C GLY A 572 6.22 -27.59 -8.87
N ILE A 573 5.28 -26.69 -9.10
CA ILE A 573 5.61 -25.28 -9.28
C ILE A 573 5.39 -24.54 -7.96
N GLU A 574 6.34 -23.70 -7.57
CA GLU A 574 6.22 -22.92 -6.35
C GLU A 574 5.41 -21.67 -6.69
N LEU A 575 4.20 -21.57 -6.15
CA LEU A 575 3.32 -20.45 -6.45
C LEU A 575 3.41 -19.31 -5.45
N THR A 576 3.60 -18.10 -5.95
CA THR A 576 3.65 -16.92 -5.09
C THR A 576 2.47 -16.02 -5.45
N LEU A 577 1.56 -15.85 -4.49
CA LEU A 577 0.39 -15.01 -4.70
C LEU A 577 0.70 -13.55 -4.38
N PHE A 578 0.43 -12.68 -5.35
CA PHE A 578 0.66 -11.25 -5.20
C PHE A 578 -0.69 -10.57 -4.92
N HIS A 579 -0.84 -10.02 -3.72
CA HIS A 579 -2.09 -9.36 -3.33
C HIS A 579 -2.13 -7.89 -3.67
N GLY A 580 -3.25 -7.47 -4.28
CA GLY A 580 -3.43 -6.09 -4.65
C GLY A 580 -3.77 -5.22 -3.44
N ARG A 581 -4.20 -4.00 -3.68
CA ARG A 581 -4.50 -3.10 -2.58
C ARG A 581 -5.89 -3.26 -1.99
N GLY A 582 -6.01 -2.95 -0.71
CA GLY A 582 -7.29 -3.04 -0.03
C GLY A 582 -7.62 -4.42 0.50
N GLY A 583 -8.91 -4.64 0.75
CA GLY A 583 -9.35 -5.92 1.26
C GLY A 583 -9.01 -6.07 2.74
N SER A 584 -9.33 -7.24 3.30
CA SER A 584 -9.05 -7.49 4.70
C SER A 584 -7.54 -7.62 4.91
N ILE A 585 -6.83 -8.08 3.89
CA ILE A 585 -5.38 -8.24 3.99
C ILE A 585 -4.66 -6.90 4.07
N GLY A 586 -5.28 -5.85 3.55
CA GLY A 586 -4.66 -4.54 3.56
C GLY A 586 -5.12 -3.66 4.71
N ARG A 587 -5.79 -4.25 5.69
CA ARG A 587 -6.29 -3.49 6.85
C ARG A 587 -5.17 -3.04 7.78
N GLY A 588 -4.12 -3.85 7.86
CA GLY A 588 -3.00 -3.55 8.73
C GLY A 588 -3.29 -3.98 10.17
N GLY A 589 -2.26 -3.97 11.01
CA GLY A 589 -2.45 -4.34 12.40
C GLY A 589 -2.96 -5.73 12.66
N ALA A 590 -3.77 -5.88 13.71
CA ALA A 590 -4.31 -7.20 14.07
C ALA A 590 -5.23 -7.81 13.00
N PRO A 591 -6.17 -7.02 12.45
CA PRO A 591 -7.05 -7.62 11.43
C PRO A 591 -6.26 -8.25 10.29
N ALA A 592 -5.18 -7.59 9.88
CA ALA A 592 -4.35 -8.09 8.79
C ALA A 592 -3.70 -9.42 9.19
N HIS A 593 -3.21 -9.49 10.41
CA HIS A 593 -2.60 -10.72 10.90
C HIS A 593 -3.64 -11.83 10.76
N ALA A 594 -4.88 -11.52 11.11
CA ALA A 594 -5.97 -12.49 11.01
C ALA A 594 -6.35 -12.84 9.57
N ALA A 595 -6.43 -11.82 8.71
CA ALA A 595 -6.80 -12.06 7.32
C ALA A 595 -5.77 -12.94 6.59
N LEU A 596 -4.50 -12.81 6.95
CA LEU A 596 -3.49 -13.63 6.31
C LEU A 596 -3.69 -15.09 6.70
N LEU A 597 -4.06 -15.35 7.95
CA LEU A 597 -4.28 -16.73 8.38
C LEU A 597 -5.55 -17.34 7.79
N SER A 598 -6.54 -16.51 7.49
CA SER A 598 -7.82 -17.02 6.97
C SER A 598 -7.79 -17.38 5.49
N GLN A 599 -6.62 -17.34 4.88
CA GLN A 599 -6.50 -17.67 3.48
C GLN A 599 -6.41 -19.17 3.25
N PRO A 600 -6.69 -19.60 2.00
CA PRO A 600 -6.64 -21.03 1.66
C PRO A 600 -5.30 -21.64 2.07
N PRO A 601 -5.33 -22.88 2.57
CA PRO A 601 -4.11 -23.55 2.99
C PRO A 601 -3.06 -23.52 1.89
N GLY A 602 -1.85 -23.09 2.25
CA GLY A 602 -0.76 -23.02 1.28
C GLY A 602 -0.60 -21.65 0.62
N SER A 603 -1.53 -20.75 0.89
CA SER A 603 -1.49 -19.41 0.30
C SER A 603 -0.22 -18.64 0.57
N LEU A 604 0.46 -18.97 1.67
CA LEU A 604 1.67 -18.25 2.03
C LEU A 604 2.96 -19.06 1.98
N LYS A 605 2.90 -20.24 1.38
CA LYS A 605 4.08 -21.08 1.26
C LYS A 605 5.07 -20.39 0.33
N GLY A 606 4.52 -19.68 -0.66
CA GLY A 606 5.35 -18.97 -1.61
C GLY A 606 5.76 -17.61 -1.13
N GLY A 607 5.52 -17.34 0.15
CA GLY A 607 5.89 -16.06 0.72
C GLY A 607 4.78 -15.03 0.65
N LEU A 608 4.99 -13.92 1.34
CA LEU A 608 4.02 -12.83 1.36
C LEU A 608 4.46 -11.69 0.47
N ARG A 609 3.61 -11.31 -0.48
CA ARG A 609 3.92 -10.21 -1.36
C ARG A 609 2.64 -9.43 -1.54
N VAL A 610 2.61 -8.21 -1.01
CA VAL A 610 1.41 -7.40 -1.09
C VAL A 610 1.76 -5.96 -1.43
N THR A 611 0.86 -5.29 -2.13
CA THR A 611 1.10 -3.91 -2.46
C THR A 611 0.42 -3.06 -1.39
N GLU A 612 1.22 -2.29 -0.66
CA GLU A 612 0.71 -1.43 0.38
C GLU A 612 0.12 -0.18 -0.26
N GLN A 613 -1.09 0.18 0.16
CA GLN A 613 -1.77 1.36 -0.39
C GLN A 613 -1.14 2.65 0.11
N GLY A 614 -0.91 3.59 -0.81
CA GLY A 614 -0.30 4.87 -0.46
C GLY A 614 -0.87 5.57 0.77
N GLU A 615 -2.20 5.71 0.82
CA GLU A 615 -2.87 6.38 1.93
C GLU A 615 -2.67 5.68 3.26
N MET A 616 -2.10 4.48 3.24
CA MET A 616 -1.87 3.74 4.48
C MET A 616 -0.41 3.63 4.87
N ILE A 617 0.49 4.09 4.02
CA ILE A 617 1.91 3.99 4.32
C ILE A 617 2.29 4.63 5.63
N ARG A 618 1.68 5.78 5.92
CA ARG A 618 1.98 6.48 7.15
C ARG A 618 1.60 5.67 8.37
N PHE A 619 0.48 4.97 8.29
CA PHE A 619 0.00 4.19 9.42
C PHE A 619 0.59 2.79 9.54
N LYS A 620 1.34 2.37 8.53
CA LYS A 620 1.97 1.06 8.60
C LYS A 620 3.49 1.17 8.66
N TYR A 621 4.04 2.25 8.12
CA TYR A 621 5.48 2.46 8.09
C TYR A 621 5.86 3.91 8.36
N GLY A 622 4.95 4.68 8.96
CA GLY A 622 5.23 6.09 9.23
C GLY A 622 6.45 6.37 10.07
N LEU A 623 6.68 5.52 11.08
CA LEU A 623 7.82 5.68 11.97
C LEU A 623 8.50 4.35 12.04
N PRO A 624 9.80 4.35 12.35
CA PRO A 624 10.55 3.10 12.45
C PRO A 624 9.86 2.10 13.38
N GLU A 625 9.36 2.59 14.51
CA GLU A 625 8.68 1.72 15.45
C GLU A 625 7.46 1.11 14.79
N ILE A 626 6.72 1.90 14.04
CA ILE A 626 5.53 1.36 13.38
C ILE A 626 5.97 0.36 12.32
N THR A 627 7.08 0.64 11.65
CA THR A 627 7.58 -0.30 10.65
C THR A 627 7.86 -1.65 11.31
N VAL A 628 8.56 -1.64 12.44
CA VAL A 628 8.89 -2.87 13.16
C VAL A 628 7.61 -3.62 13.58
N SER A 629 6.58 -2.87 13.96
CA SER A 629 5.34 -3.49 14.36
C SER A 629 4.72 -4.24 13.17
N SER A 630 4.55 -3.52 12.06
CA SER A 630 3.96 -4.11 10.86
C SER A 630 4.68 -5.36 10.39
N LEU A 631 5.99 -5.27 10.18
CA LEU A 631 6.72 -6.44 9.71
C LEU A 631 6.60 -7.61 10.69
N SER A 632 6.56 -7.33 11.99
CA SER A 632 6.44 -8.39 12.98
C SER A 632 5.10 -9.10 12.85
N LEU A 633 4.02 -8.34 12.73
CA LEU A 633 2.68 -8.93 12.58
C LEU A 633 2.65 -9.84 11.36
N TYR A 634 3.23 -9.37 10.25
CA TYR A 634 3.29 -10.16 9.02
C TYR A 634 4.04 -11.46 9.26
N THR A 635 5.22 -11.35 9.87
CA THR A 635 6.04 -12.52 10.15
C THR A 635 5.31 -13.57 10.98
N GLY A 636 4.63 -13.13 12.04
CA GLY A 636 3.88 -14.06 12.86
C GLY A 636 2.78 -14.74 12.06
N ALA A 637 2.14 -13.97 11.18
CA ALA A 637 1.06 -14.49 10.36
C ALA A 637 1.56 -15.55 9.38
N ILE A 638 2.68 -15.30 8.73
CA ILE A 638 3.22 -16.25 7.76
C ILE A 638 3.58 -17.60 8.38
N LEU A 639 4.30 -17.58 9.49
CA LEU A 639 4.70 -18.80 10.16
C LEU A 639 3.51 -19.63 10.62
N GLU A 640 2.55 -18.97 11.27
CA GLU A 640 1.38 -19.69 11.75
C GLU A 640 0.55 -20.26 10.60
N ALA A 641 0.43 -19.51 9.52
CA ALA A 641 -0.36 -19.94 8.38
C ALA A 641 0.27 -21.09 7.63
N ASN A 642 1.60 -21.18 7.67
CA ASN A 642 2.30 -22.26 6.99
C ASN A 642 2.42 -23.55 7.82
N LEU A 643 2.17 -23.45 9.13
CA LEU A 643 2.27 -24.60 10.02
C LEU A 643 0.90 -25.01 10.56
N LEU A 644 0.05 -24.02 10.77
CA LEU A 644 -1.29 -24.29 11.27
C LEU A 644 -2.31 -23.65 10.31
N PRO A 645 -2.50 -24.25 9.12
CA PRO A 645 -3.45 -23.76 8.12
C PRO A 645 -4.89 -23.85 8.58
N PRO A 646 -5.77 -23.01 8.02
CA PRO A 646 -7.19 -23.01 8.38
C PRO A 646 -7.87 -24.31 7.96
N PRO A 647 -8.96 -24.68 8.64
CA PRO A 647 -9.70 -25.91 8.35
C PRO A 647 -10.43 -25.79 7.02
N GLU A 648 -10.60 -26.92 6.32
CA GLU A 648 -11.29 -26.92 5.04
C GLU A 648 -12.78 -26.68 5.32
N PRO A 649 -13.43 -25.84 4.51
CA PRO A 649 -14.86 -25.57 4.73
C PRO A 649 -15.79 -26.76 4.45
N LYS A 650 -16.86 -26.86 5.21
CA LYS A 650 -17.85 -27.93 5.04
C LYS A 650 -18.59 -27.73 3.71
N GLU A 651 -18.95 -28.84 3.07
CA GLU A 651 -19.65 -28.77 1.80
C GLU A 651 -20.87 -27.84 1.88
N SER A 652 -21.58 -27.90 3.00
CA SER A 652 -22.77 -27.07 3.18
C SER A 652 -22.45 -25.58 3.21
N TRP A 653 -21.25 -25.24 3.67
CA TRP A 653 -20.86 -23.84 3.75
C TRP A 653 -20.58 -23.29 2.35
N ARG A 654 -19.89 -24.09 1.54
CA ARG A 654 -19.59 -23.68 0.20
C ARG A 654 -20.87 -23.37 -0.55
N ARG A 655 -21.94 -24.08 -0.22
CA ARG A 655 -23.21 -23.87 -0.91
C ARG A 655 -23.85 -22.57 -0.50
N ILE A 656 -23.67 -22.19 0.76
CA ILE A 656 -24.21 -20.93 1.21
C ILE A 656 -23.40 -19.80 0.56
N MET A 657 -22.08 -19.96 0.51
CA MET A 657 -21.25 -18.94 -0.13
C MET A 657 -21.60 -18.77 -1.61
N ASP A 658 -21.93 -19.86 -2.29
CA ASP A 658 -22.30 -19.78 -3.69
C ASP A 658 -23.56 -18.95 -3.84
N GLU A 659 -24.52 -19.15 -2.94
CA GLU A 659 -25.77 -18.42 -3.00
C GLU A 659 -25.59 -16.94 -2.64
N LEU A 660 -24.85 -16.69 -1.56
CA LEU A 660 -24.57 -15.32 -1.11
C LEU A 660 -23.85 -14.58 -2.21
N SER A 661 -22.93 -15.28 -2.86
CA SER A 661 -22.18 -14.69 -3.95
C SER A 661 -23.14 -14.20 -5.04
N VAL A 662 -24.04 -15.08 -5.49
CA VAL A 662 -24.99 -14.74 -6.56
C VAL A 662 -25.99 -13.64 -6.19
N ILE A 663 -26.64 -13.79 -5.04
CA ILE A 663 -27.62 -12.82 -4.57
C ILE A 663 -26.99 -11.44 -4.39
N SER A 664 -25.84 -11.39 -3.73
CA SER A 664 -25.16 -10.12 -3.51
C SER A 664 -24.70 -9.49 -4.82
N CYS A 665 -24.22 -10.30 -5.77
CA CYS A 665 -23.78 -9.77 -7.07
C CYS A 665 -24.99 -9.14 -7.76
N ASP A 666 -26.14 -9.80 -7.66
CA ASP A 666 -27.38 -9.33 -8.28
C ASP A 666 -27.77 -7.97 -7.74
N VAL A 667 -27.87 -7.88 -6.42
CA VAL A 667 -28.24 -6.63 -5.79
C VAL A 667 -27.25 -5.55 -6.23
N TYR A 668 -25.96 -5.82 -6.06
CA TYR A 668 -24.91 -4.87 -6.41
C TYR A 668 -25.00 -4.32 -7.84
N ARG A 669 -25.04 -5.20 -8.83
CA ARG A 669 -25.14 -4.75 -10.21
C ARG A 669 -26.52 -4.18 -10.48
N GLY A 670 -27.48 -4.56 -9.63
CA GLY A 670 -28.83 -4.08 -9.77
C GLY A 670 -28.80 -2.55 -9.73
N TYR A 671 -27.97 -2.00 -8.85
CA TYR A 671 -27.84 -0.54 -8.71
C TYR A 671 -26.75 0.06 -9.59
N VAL A 672 -25.54 -0.46 -9.46
CA VAL A 672 -24.40 0.05 -10.22
C VAL A 672 -24.56 0.00 -11.75
N ARG A 673 -25.31 -1.00 -12.25
CA ARG A 673 -25.51 -1.13 -13.69
C ARG A 673 -26.95 -0.95 -14.19
N GLU A 674 -27.85 -1.82 -13.74
CA GLU A 674 -29.24 -1.76 -14.17
C GLU A 674 -29.98 -0.46 -13.88
N ASN A 675 -29.86 0.04 -12.66
CA ASN A 675 -30.54 1.26 -12.26
C ASN A 675 -29.99 2.44 -13.05
N LYS A 676 -30.85 3.04 -13.86
CA LYS A 676 -30.46 4.15 -14.72
C LYS A 676 -30.45 5.52 -14.07
N ASP A 677 -30.67 5.56 -12.76
CA ASP A 677 -30.63 6.83 -12.05
C ASP A 677 -29.41 6.88 -11.16
N PHE A 678 -28.64 5.79 -11.14
CA PHE A 678 -27.45 5.70 -10.30
C PHE A 678 -26.33 6.64 -10.73
N VAL A 679 -25.84 6.47 -11.96
CA VAL A 679 -24.75 7.31 -12.46
C VAL A 679 -24.96 8.80 -12.17
N PRO A 680 -26.12 9.37 -12.54
CA PRO A 680 -26.35 10.80 -12.28
C PRO A 680 -26.30 11.12 -10.78
N TYR A 681 -26.88 10.24 -9.97
CA TYR A 681 -26.88 10.41 -8.53
C TYR A 681 -25.45 10.34 -8.01
N PHE A 682 -24.71 9.34 -8.50
CA PHE A 682 -23.32 9.16 -8.11
C PHE A 682 -22.48 10.41 -8.36
N ARG A 683 -22.66 11.04 -9.51
CA ARG A 683 -21.89 12.23 -9.85
C ARG A 683 -22.27 13.48 -9.04
N SER A 684 -23.38 13.42 -8.31
CA SER A 684 -23.82 14.57 -7.53
C SER A 684 -23.52 14.42 -6.06
N ALA A 685 -23.78 13.23 -5.52
CA ALA A 685 -23.57 12.95 -4.11
C ALA A 685 -22.10 12.84 -3.71
N THR A 686 -21.24 12.42 -4.63
CA THR A 686 -19.82 12.29 -4.33
C THR A 686 -18.98 13.26 -5.14
N PRO A 687 -17.74 13.54 -4.69
CA PRO A 687 -16.85 14.45 -5.40
C PRO A 687 -16.05 13.71 -6.48
N GLU A 688 -16.69 12.70 -7.06
CA GLU A 688 -16.08 11.87 -8.09
C GLU A 688 -15.50 12.69 -9.23
N GLN A 689 -16.31 13.62 -9.72
CA GLN A 689 -15.92 14.49 -10.82
C GLN A 689 -14.70 15.34 -10.50
N GLU A 690 -14.63 15.86 -9.28
CA GLU A 690 -13.50 16.70 -8.90
C GLU A 690 -12.25 15.89 -8.58
N LEU A 691 -12.41 14.60 -8.28
CA LEU A 691 -11.23 13.78 -8.01
C LEU A 691 -10.42 13.63 -9.29
N GLY A 692 -11.10 13.63 -10.43
CA GLY A 692 -10.42 13.51 -11.71
C GLY A 692 -9.84 14.82 -12.21
N LYS A 693 -10.52 15.91 -11.88
CA LYS A 693 -10.08 17.23 -12.32
C LYS A 693 -8.99 17.84 -11.46
N LEU A 694 -9.12 17.77 -10.14
CA LEU A 694 -8.11 18.35 -9.26
C LEU A 694 -6.75 17.69 -9.46
N PRO A 695 -5.66 18.41 -9.12
CA PRO A 695 -4.29 17.88 -9.29
C PRO A 695 -3.87 16.81 -8.27
N LEU A 696 -4.60 15.70 -8.24
CA LEU A 696 -4.32 14.62 -7.30
C LEU A 696 -3.80 13.37 -8.01
N GLY A 697 -2.56 12.99 -7.71
CA GLY A 697 -1.97 11.82 -8.32
C GLY A 697 -1.62 11.99 -9.79
N SER A 698 -0.78 11.10 -10.31
CA SER A 698 -0.34 11.15 -11.70
C SER A 698 -1.41 10.64 -12.67
N ARG A 699 -1.81 9.38 -12.50
CA ARG A 699 -2.82 8.77 -13.36
C ARG A 699 -4.20 9.31 -13.06
N PRO A 700 -5.06 9.38 -14.10
CA PRO A 700 -6.44 9.88 -13.97
C PRO A 700 -7.43 8.83 -13.44
N GLY A 707 -16.81 8.58 -19.11
CA GLY A 707 -17.50 7.35 -19.44
C GLY A 707 -18.47 6.91 -18.34
N GLY A 708 -18.74 5.61 -18.29
CA GLY A 708 -19.63 5.09 -17.28
C GLY A 708 -18.87 4.55 -16.09
N VAL A 709 -19.58 3.89 -15.16
CA VAL A 709 -18.94 3.33 -13.98
C VAL A 709 -17.91 2.26 -14.34
N GLU A 710 -18.16 1.53 -15.40
CA GLU A 710 -17.25 0.47 -15.83
C GLU A 710 -16.00 1.03 -16.48
N SER A 711 -15.90 2.36 -16.51
CA SER A 711 -14.75 3.05 -17.10
C SER A 711 -13.88 3.69 -16.01
N LEU A 712 -14.47 3.88 -14.83
CA LEU A 712 -13.78 4.49 -13.69
C LEU A 712 -12.83 3.49 -13.03
N ARG A 713 -11.76 3.98 -12.41
CA ARG A 713 -10.78 3.11 -11.75
C ARG A 713 -11.24 2.77 -10.34
N ALA A 714 -10.70 1.68 -9.79
CA ALA A 714 -11.09 1.24 -8.45
C ALA A 714 -10.85 2.29 -7.35
N ILE A 715 -9.63 2.82 -7.28
CA ILE A 715 -9.30 3.81 -6.27
C ILE A 715 -10.35 4.94 -6.26
N PRO A 716 -10.57 5.62 -7.41
CA PRO A 716 -11.55 6.70 -7.48
C PRO A 716 -12.96 6.24 -7.06
N TRP A 717 -13.29 5.01 -7.43
CA TRP A 717 -14.59 4.41 -7.10
C TRP A 717 -14.75 4.41 -5.59
N ILE A 718 -13.77 3.83 -4.90
CA ILE A 718 -13.81 3.73 -3.46
C ILE A 718 -13.64 5.08 -2.76
N PHE A 719 -12.72 5.89 -3.24
CA PHE A 719 -12.47 7.20 -2.64
C PHE A 719 -13.69 8.12 -2.67
N ALA A 720 -14.36 8.15 -3.81
CA ALA A 720 -15.53 9.00 -3.99
C ALA A 720 -16.61 8.70 -2.96
N TRP A 721 -16.91 7.43 -2.77
CA TRP A 721 -17.93 7.06 -1.81
C TRP A 721 -17.43 7.17 -0.37
N THR A 722 -16.14 7.46 -0.20
CA THR A 722 -15.60 7.61 1.15
C THR A 722 -15.70 9.06 1.57
N GLN A 723 -15.66 9.96 0.60
CA GLN A 723 -15.74 11.38 0.88
C GLN A 723 -17.12 11.78 1.37
N ASN A 724 -18.17 11.19 0.81
CA ASN A 724 -19.53 11.54 1.24
C ASN A 724 -19.99 10.61 2.37
N ARG A 725 -19.07 9.76 2.83
CA ARG A 725 -19.30 8.86 3.95
C ARG A 725 -20.24 7.67 3.83
N LEU A 726 -20.67 7.34 2.61
CA LEU A 726 -21.56 6.20 2.42
C LEU A 726 -20.82 4.86 2.32
N MET A 727 -19.59 4.89 1.80
CA MET A 727 -18.75 3.69 1.65
C MET A 727 -19.39 2.61 0.81
N LEU A 728 -20.38 2.97 0.01
CA LEU A 728 -21.12 2.02 -0.82
C LEU A 728 -20.34 0.83 -1.45
N PRO A 729 -19.22 1.11 -2.14
CA PRO A 729 -18.40 0.07 -2.78
C PRO A 729 -17.98 -1.10 -1.90
N ALA A 730 -17.87 -0.85 -0.60
CA ALA A 730 -17.42 -1.88 0.34
C ALA A 730 -18.49 -2.71 1.08
N TRP A 731 -19.76 -2.54 0.75
CA TRP A 731 -20.82 -3.31 1.40
C TRP A 731 -22.10 -3.49 0.58
N LEU A 732 -22.30 -2.64 -0.43
CA LEU A 732 -23.52 -2.65 -1.23
C LEU A 732 -24.40 -3.87 -1.35
N GLY A 733 -23.85 -5.07 -1.50
CA GLY A 733 -24.75 -6.20 -1.60
C GLY A 733 -24.63 -7.30 -0.56
N ALA A 734 -23.60 -7.22 0.27
CA ALA A 734 -23.33 -8.22 1.31
C ALA A 734 -24.48 -8.48 2.30
N GLY A 735 -24.94 -7.43 2.97
CA GLY A 735 -26.01 -7.57 3.95
C GLY A 735 -27.33 -8.06 3.40
N THR A 736 -27.67 -7.63 2.19
CA THR A 736 -28.93 -8.04 1.60
C THR A 736 -28.94 -9.54 1.35
N ALA A 737 -27.82 -10.09 0.89
CA ALA A 737 -27.75 -11.52 0.64
C ALA A 737 -27.77 -12.30 1.94
N LEU A 738 -27.16 -11.76 2.99
CA LEU A 738 -27.14 -12.45 4.28
C LEU A 738 -28.56 -12.51 4.85
N GLN A 739 -29.28 -11.40 4.67
CA GLN A 739 -30.66 -11.27 5.14
C GLN A 739 -31.52 -12.38 4.52
N LYS A 740 -31.36 -12.60 3.22
CA LYS A 740 -32.11 -13.63 2.50
C LYS A 740 -31.85 -15.03 3.07
N VAL A 741 -30.59 -15.39 3.27
CA VAL A 741 -30.25 -16.70 3.80
C VAL A 741 -30.81 -16.88 5.21
N VAL A 742 -30.99 -15.79 5.94
CA VAL A 742 -31.53 -15.85 7.28
C VAL A 742 -33.02 -16.22 7.20
N GLU A 743 -33.71 -15.65 6.22
CA GLU A 743 -35.13 -15.90 6.02
C GLU A 743 -35.40 -17.36 5.66
N ASP A 744 -34.33 -18.12 5.41
CA ASP A 744 -34.48 -19.52 5.09
C ASP A 744 -34.14 -20.38 6.31
N GLY A 745 -34.08 -19.73 7.46
CA GLY A 745 -33.78 -20.44 8.70
C GLY A 745 -32.38 -21.01 8.79
N LYS A 746 -31.47 -20.49 7.97
CA LYS A 746 -30.10 -20.97 7.98
C LYS A 746 -29.19 -20.03 8.77
N GLN A 747 -29.80 -19.21 9.62
CA GLN A 747 -29.01 -18.28 10.42
C GLN A 747 -28.01 -19.03 11.28
N SER A 748 -28.40 -20.21 11.74
CA SER A 748 -27.53 -21.03 12.59
C SER A 748 -26.34 -21.57 11.81
N GLU A 749 -26.52 -21.74 10.51
CA GLU A 749 -25.45 -22.21 9.63
C GLU A 749 -24.43 -21.08 9.49
N LEU A 750 -24.96 -19.87 9.33
CA LEU A 750 -24.13 -18.68 9.18
C LEU A 750 -23.33 -18.42 10.43
N GLU A 751 -23.99 -18.52 11.58
CA GLU A 751 -23.34 -18.31 12.87
C GLU A 751 -22.21 -19.32 13.06
N ALA A 752 -22.43 -20.53 12.57
CA ALA A 752 -21.44 -21.59 12.70
C ALA A 752 -20.22 -21.28 11.84
N MET A 753 -20.47 -20.78 10.63
CA MET A 753 -19.39 -20.42 9.71
C MET A 753 -18.56 -19.31 10.34
N CYS A 754 -19.26 -18.32 10.89
CA CYS A 754 -18.59 -17.20 11.51
C CYS A 754 -17.63 -17.65 12.62
N ARG A 755 -18.02 -18.68 13.37
CA ARG A 755 -17.18 -19.17 14.45
C ARG A 755 -16.06 -20.11 14.03
N ASP A 756 -16.35 -21.03 13.11
CA ASP A 756 -15.34 -22.01 12.72
C ASP A 756 -14.64 -21.84 11.38
N TRP A 757 -14.97 -20.81 10.61
CA TRP A 757 -14.31 -20.64 9.32
C TRP A 757 -13.75 -19.22 9.20
N PRO A 758 -12.44 -19.07 9.46
CA PRO A 758 -11.76 -17.77 9.39
C PRO A 758 -12.12 -16.87 8.20
N PHE A 759 -12.16 -17.46 7.00
CA PHE A 759 -12.51 -16.70 5.80
C PHE A 759 -13.79 -15.91 6.04
N PHE A 760 -14.79 -16.59 6.58
CA PHE A 760 -16.07 -15.96 6.81
C PHE A 760 -16.07 -14.95 7.95
N SER A 761 -15.45 -15.28 9.08
CA SER A 761 -15.45 -14.32 10.19
C SER A 761 -14.70 -13.08 9.77
N THR A 762 -13.68 -13.26 8.96
CA THR A 762 -12.86 -12.17 8.46
C THR A 762 -13.65 -11.22 7.52
N ARG A 763 -14.51 -11.81 6.69
CA ARG A 763 -15.34 -11.04 5.75
C ARG A 763 -16.37 -10.20 6.51
N LEU A 764 -16.97 -10.76 7.56
CA LEU A 764 -17.95 -10.04 8.34
C LEU A 764 -17.26 -8.91 9.10
N GLY A 765 -16.06 -9.20 9.59
CA GLY A 765 -15.29 -8.20 10.32
C GLY A 765 -14.99 -6.98 9.49
N MET A 766 -14.56 -7.20 8.24
CA MET A 766 -14.27 -6.11 7.30
C MET A 766 -15.50 -5.21 7.15
N LEU A 767 -16.68 -5.83 7.14
CA LEU A 767 -17.96 -5.13 7.00
C LEU A 767 -18.22 -4.27 8.24
N GLU A 768 -17.97 -4.84 9.42
CA GLU A 768 -18.17 -4.12 10.66
C GLU A 768 -17.36 -2.82 10.72
N MET A 769 -16.14 -2.87 10.19
CA MET A 769 -15.25 -1.69 10.18
C MET A 769 -15.74 -0.64 9.20
N VAL A 770 -16.21 -1.08 8.04
CA VAL A 770 -16.73 -0.13 7.04
C VAL A 770 -17.95 0.60 7.59
N PHE A 771 -18.83 -0.13 8.26
CA PHE A 771 -20.02 0.47 8.85
C PHE A 771 -19.63 1.45 9.97
N ALA A 772 -18.58 1.10 10.72
CA ALA A 772 -18.11 1.95 11.81
C ALA A 772 -17.61 3.33 11.32
N LYS A 773 -17.11 3.37 10.09
CA LYS A 773 -16.61 4.63 9.53
C LYS A 773 -17.69 5.37 8.74
N ALA A 774 -18.67 4.63 8.24
CA ALA A 774 -19.75 5.23 7.49
C ALA A 774 -20.53 6.17 8.39
N ASP A 775 -21.14 7.18 7.81
CA ASP A 775 -21.93 8.14 8.58
C ASP A 775 -23.16 8.50 7.77
N LEU A 776 -24.26 7.82 8.06
CA LEU A 776 -25.52 8.03 7.36
C LEU A 776 -26.09 9.44 7.48
N TRP A 777 -25.74 10.13 8.56
CA TRP A 777 -26.22 11.51 8.73
C TRP A 777 -25.52 12.48 7.77
N LEU A 778 -24.20 12.32 7.63
CA LEU A 778 -23.44 13.18 6.74
C LEU A 778 -23.80 12.84 5.29
N ALA A 779 -24.04 11.55 5.02
CA ALA A 779 -24.44 11.11 3.68
C ALA A 779 -25.74 11.78 3.27
N GLU A 780 -26.65 11.96 4.22
CA GLU A 780 -27.92 12.61 3.93
C GLU A 780 -27.69 14.11 3.73
N TYR A 781 -26.75 14.66 4.49
CA TYR A 781 -26.39 16.07 4.42
C TYR A 781 -25.92 16.41 3.00
N TYR A 782 -25.11 15.55 2.41
CA TYR A 782 -24.61 15.79 1.07
C TYR A 782 -25.74 15.79 0.06
N ASP A 783 -26.68 14.86 0.23
CA ASP A 783 -27.79 14.78 -0.70
C ASP A 783 -28.57 16.09 -0.71
N GLN A 784 -28.93 16.58 0.48
CA GLN A 784 -29.70 17.81 0.58
C GLN A 784 -28.97 19.07 0.12
N ARG A 785 -27.66 18.96 -0.10
CA ARG A 785 -26.87 20.11 -0.55
C ARG A 785 -26.43 20.03 -2.00
N LEU A 786 -26.29 18.81 -2.52
CA LEU A 786 -25.79 18.66 -3.88
C LEU A 786 -26.65 17.83 -4.82
N VAL A 787 -27.55 17.03 -4.27
CA VAL A 787 -28.39 16.16 -5.11
C VAL A 787 -29.79 16.72 -5.37
N ASP A 788 -30.23 16.55 -6.61
CA ASP A 788 -31.54 17.00 -7.05
C ASP A 788 -32.62 16.25 -6.29
N LYS A 789 -33.63 16.97 -5.80
CA LYS A 789 -34.73 16.37 -5.03
C LYS A 789 -35.33 15.14 -5.69
N ALA A 790 -35.19 15.04 -7.01
CA ALA A 790 -35.74 13.90 -7.73
C ALA A 790 -34.93 12.63 -7.45
N LEU A 791 -33.69 12.80 -7.03
CA LEU A 791 -32.82 11.66 -6.76
C LEU A 791 -32.75 11.28 -5.27
N TRP A 792 -33.33 12.09 -4.40
CA TRP A 792 -33.33 11.80 -2.98
C TRP A 792 -33.88 10.42 -2.63
N PRO A 793 -34.94 9.97 -3.33
CA PRO A 793 -35.48 8.65 -3.02
C PRO A 793 -34.43 7.54 -3.13
N LEU A 794 -33.56 7.62 -4.13
CA LEU A 794 -32.52 6.62 -4.33
C LEU A 794 -31.55 6.65 -3.16
N GLY A 795 -31.15 7.87 -2.80
CA GLY A 795 -30.24 8.05 -1.70
C GLY A 795 -30.79 7.50 -0.40
N LYS A 796 -32.04 7.84 -0.09
CA LYS A 796 -32.65 7.38 1.15
C LYS A 796 -32.80 5.87 1.15
N GLU A 797 -32.92 5.28 -0.04
CA GLU A 797 -33.06 3.85 -0.17
C GLU A 797 -31.73 3.17 0.13
N LEU A 798 -30.64 3.74 -0.37
CA LEU A 798 -29.32 3.17 -0.13
C LEU A 798 -28.95 3.27 1.34
N ARG A 799 -29.43 4.32 2.00
CA ARG A 799 -29.15 4.50 3.42
C ARG A 799 -29.91 3.49 4.28
N ASN A 800 -31.17 3.26 3.94
CA ASN A 800 -31.96 2.30 4.70
C ASN A 800 -31.36 0.92 4.52
N LEU A 801 -30.76 0.70 3.36
CA LEU A 801 -30.15 -0.58 3.06
C LEU A 801 -29.02 -0.85 4.05
N GLN A 802 -28.22 0.18 4.34
CA GLN A 802 -27.11 0.03 5.28
C GLN A 802 -27.63 -0.25 6.67
N GLU A 803 -28.65 0.51 7.08
CA GLU A 803 -29.25 0.32 8.41
C GLU A 803 -29.66 -1.15 8.60
N GLU A 804 -30.31 -1.72 7.60
CA GLU A 804 -30.75 -3.11 7.65
C GLU A 804 -29.56 -4.06 7.67
N ASP A 805 -28.57 -3.80 6.82
CA ASP A 805 -27.38 -4.65 6.75
C ASP A 805 -26.61 -4.70 8.06
N ILE A 806 -26.52 -3.55 8.73
CA ILE A 806 -25.83 -3.48 10.01
C ILE A 806 -26.49 -4.38 11.05
N LYS A 807 -27.83 -4.45 11.03
CA LYS A 807 -28.54 -5.31 11.97
C LYS A 807 -28.23 -6.78 11.73
N VAL A 808 -28.34 -7.22 10.47
CA VAL A 808 -28.05 -8.60 10.11
C VAL A 808 -26.63 -8.99 10.49
N VAL A 809 -25.67 -8.14 10.13
CA VAL A 809 -24.28 -8.40 10.44
C VAL A 809 -24.06 -8.51 11.96
N LEU A 810 -24.71 -7.65 12.73
CA LEU A 810 -24.58 -7.69 14.18
C LEU A 810 -25.20 -8.95 14.77
N ALA A 811 -26.33 -9.38 14.21
CA ALA A 811 -27.02 -10.58 14.67
C ALA A 811 -26.19 -11.84 14.46
N ILE A 812 -25.61 -11.97 13.28
CA ILE A 812 -24.80 -13.14 12.99
C ILE A 812 -23.55 -13.18 13.85
N ALA A 813 -23.14 -12.01 14.34
CA ALA A 813 -21.94 -11.91 15.19
C ALA A 813 -22.30 -11.89 16.68
N ASN A 814 -23.59 -11.97 16.98
CA ASN A 814 -24.10 -11.97 18.35
C ASN A 814 -23.48 -10.84 19.18
N ASP A 815 -23.38 -9.66 18.57
CA ASP A 815 -22.84 -8.48 19.24
C ASP A 815 -23.88 -7.38 19.34
N SER A 816 -23.60 -6.42 20.21
CA SER A 816 -24.50 -5.29 20.45
C SER A 816 -24.04 -4.03 19.72
N HIS A 817 -22.73 -3.94 19.50
CA HIS A 817 -22.17 -2.80 18.80
C HIS A 817 -21.10 -3.22 17.81
N LEU A 818 -20.91 -2.41 16.78
CA LEU A 818 -19.94 -2.68 15.74
C LEU A 818 -18.53 -2.90 16.27
N MET A 819 -17.94 -4.00 15.83
CA MET A 819 -16.60 -4.42 16.21
C MET A 819 -16.24 -4.25 17.67
N ALA A 820 -16.85 -5.08 18.51
CA ALA A 820 -16.62 -5.07 19.94
C ALA A 820 -15.38 -5.90 20.25
N ASP A 821 -14.93 -6.68 19.27
CA ASP A 821 -13.76 -7.53 19.44
C ASP A 821 -12.47 -6.71 19.30
N LEU A 822 -12.61 -5.49 18.79
CA LEU A 822 -11.45 -4.62 18.59
C LEU A 822 -11.66 -3.24 19.22
N PRO A 823 -11.68 -3.20 20.57
CA PRO A 823 -11.88 -1.95 21.34
C PRO A 823 -10.92 -0.82 21.00
N TRP A 824 -9.64 -1.11 20.80
CA TRP A 824 -8.67 -0.08 20.47
C TRP A 824 -8.99 0.60 19.14
N ILE A 825 -9.14 -0.21 18.09
CA ILE A 825 -9.44 0.32 16.76
C ILE A 825 -10.78 1.02 16.79
N ALA A 826 -11.70 0.49 17.57
CA ALA A 826 -13.03 1.07 17.69
C ALA A 826 -12.90 2.51 18.22
N GLU A 827 -12.09 2.66 19.26
CA GLU A 827 -11.82 3.95 19.90
C GLU A 827 -11.17 4.92 18.93
N SER A 828 -10.09 4.45 18.29
CA SER A 828 -9.36 5.24 17.33
C SER A 828 -10.30 5.76 16.26
N ILE A 829 -11.21 4.91 15.80
CA ILE A 829 -12.14 5.33 14.77
C ILE A 829 -13.08 6.39 15.28
N GLN A 830 -13.59 6.19 16.49
CA GLN A 830 -14.51 7.14 17.09
C GLN A 830 -13.86 8.53 17.18
N LEU A 831 -12.59 8.56 17.56
CA LEU A 831 -11.83 9.80 17.67
C LEU A 831 -11.67 10.50 16.34
N ARG A 832 -11.33 9.72 15.31
CA ARG A 832 -11.15 10.28 13.99
C ARG A 832 -12.45 10.76 13.35
N ASN A 833 -13.55 10.07 13.64
CA ASN A 833 -14.84 10.47 13.07
C ASN A 833 -15.22 11.85 13.59
N ILE A 834 -14.84 12.13 14.83
CA ILE A 834 -15.13 13.40 15.47
C ILE A 834 -14.41 14.58 14.83
N TYR A 835 -13.13 14.40 14.54
CA TYR A 835 -12.34 15.46 13.92
C TYR A 835 -12.54 15.54 12.41
N THR A 836 -13.03 14.47 11.80
CA THR A 836 -13.28 14.45 10.37
C THR A 836 -14.61 15.15 10.05
N ASP A 837 -15.58 14.98 10.95
CA ASP A 837 -16.90 15.56 10.82
C ASP A 837 -16.97 16.95 10.20
N PRO A 838 -16.26 17.94 10.77
CA PRO A 838 -16.31 19.29 10.22
C PRO A 838 -15.80 19.45 8.79
N LEU A 839 -14.82 18.64 8.40
CA LEU A 839 -14.30 18.70 7.03
C LEU A 839 -15.40 18.30 6.05
N ASN A 840 -16.20 17.31 6.43
CA ASN A 840 -17.29 16.85 5.56
C ASN A 840 -18.31 17.95 5.41
N VAL A 841 -18.69 18.57 6.53
CA VAL A 841 -19.68 19.64 6.51
C VAL A 841 -19.21 20.82 5.67
N LEU A 842 -17.91 21.06 5.69
CA LEU A 842 -17.35 22.16 4.93
C LEU A 842 -17.18 21.80 3.45
N GLN A 843 -16.79 20.56 3.17
CA GLN A 843 -16.60 20.11 1.80
C GLN A 843 -17.89 20.22 0.97
N ALA A 844 -19.03 19.97 1.59
CA ALA A 844 -20.30 20.08 0.87
C ALA A 844 -20.47 21.50 0.33
N GLU A 845 -20.15 22.50 1.15
CA GLU A 845 -20.26 23.91 0.76
C GLU A 845 -19.26 24.23 -0.36
N LEU A 846 -18.05 23.72 -0.22
CA LEU A 846 -17.02 23.95 -1.22
C LEU A 846 -17.44 23.35 -2.55
N LEU A 847 -17.92 22.11 -2.51
CA LEU A 847 -18.36 21.44 -3.73
C LEU A 847 -19.52 22.19 -4.36
N HIS A 848 -20.34 22.79 -3.52
CA HIS A 848 -21.48 23.53 -4.00
C HIS A 848 -21.07 24.80 -4.72
N ARG A 849 -20.13 25.53 -4.15
CA ARG A 849 -19.64 26.76 -4.76
C ARG A 849 -18.91 26.45 -6.05
N SER A 850 -18.02 25.46 -5.97
CA SER A 850 -17.26 25.03 -7.14
C SER A 850 -18.19 24.66 -8.29
N ARG A 851 -19.20 23.85 -7.99
CA ARG A 851 -20.16 23.42 -9.00
C ARG A 851 -21.07 24.53 -9.51
N GLN A 852 -21.22 25.59 -8.72
CA GLN A 852 -22.08 26.71 -9.10
C GLN A 852 -21.34 27.64 -10.04
N ALA A 853 -20.03 27.70 -9.90
CA ALA A 853 -19.20 28.54 -10.75
C ALA A 853 -19.16 27.96 -12.15
N GLU A 854 -18.70 26.71 -12.29
CA GLU A 854 -18.62 26.09 -13.61
C GLU A 854 -19.96 25.97 -14.30
N LYS A 855 -21.03 26.00 -13.52
CA LYS A 855 -22.40 25.91 -14.06
C LYS A 855 -22.83 27.30 -14.52
N GLU A 856 -22.19 28.32 -13.94
CA GLU A 856 -22.47 29.71 -14.26
C GLU A 856 -21.57 30.14 -15.41
N GLY A 857 -20.64 29.27 -15.77
CA GLY A 857 -19.71 29.58 -16.84
C GLY A 857 -18.46 30.24 -16.30
N GLN A 858 -18.59 30.92 -15.15
CA GLN A 858 -17.47 31.61 -14.53
C GLN A 858 -16.23 30.71 -14.40
N GLU A 859 -15.08 31.35 -14.19
CA GLU A 859 -13.82 30.62 -14.05
C GLU A 859 -13.71 30.02 -12.66
N PRO A 860 -13.00 28.89 -12.53
CA PRO A 860 -12.83 28.22 -11.23
C PRO A 860 -12.02 29.11 -10.28
N ASP A 861 -12.53 29.32 -9.07
CA ASP A 861 -11.83 30.16 -8.10
C ASP A 861 -10.73 29.38 -7.40
N PRO A 862 -9.47 29.83 -7.54
CA PRO A 862 -8.32 29.16 -6.94
C PRO A 862 -8.46 28.86 -5.45
N ARG A 863 -9.02 29.80 -4.69
CA ARG A 863 -9.18 29.62 -3.26
C ARG A 863 -10.16 28.49 -2.95
N VAL A 864 -11.28 28.47 -3.67
CA VAL A 864 -12.26 27.43 -3.47
C VAL A 864 -11.68 26.06 -3.82
N GLU A 865 -10.94 25.99 -4.92
CA GLU A 865 -10.34 24.73 -5.33
C GLU A 865 -9.32 24.20 -4.33
N GLN A 866 -8.42 25.05 -3.85
CA GLN A 866 -7.43 24.60 -2.90
C GLN A 866 -8.06 24.14 -1.59
N ALA A 867 -9.08 24.87 -1.13
CA ALA A 867 -9.75 24.50 0.11
C ALA A 867 -10.36 23.10 -0.06
N LEU A 868 -10.87 22.83 -1.25
CA LEU A 868 -11.47 21.55 -1.55
C LEU A 868 -10.41 20.45 -1.42
N MET A 869 -9.22 20.70 -1.96
CA MET A 869 -8.14 19.72 -1.86
C MET A 869 -7.80 19.39 -0.41
N VAL A 870 -7.77 20.41 0.44
CA VAL A 870 -7.46 20.20 1.84
C VAL A 870 -8.48 19.25 2.48
N THR A 871 -9.76 19.42 2.16
CA THR A 871 -10.78 18.54 2.76
C THR A 871 -10.65 17.13 2.21
N ILE A 872 -10.53 17.01 0.89
CA ILE A 872 -10.39 15.69 0.27
C ILE A 872 -9.25 14.93 0.91
N ALA A 873 -8.10 15.58 0.99
CA ALA A 873 -6.93 14.96 1.58
C ALA A 873 -7.10 14.70 3.08
N GLY A 874 -7.75 15.61 3.77
CA GLY A 874 -7.96 15.43 5.20
C GLY A 874 -8.95 14.32 5.49
N ILE A 875 -10.06 14.29 4.76
CA ILE A 875 -11.08 13.28 4.97
C ILE A 875 -10.48 11.88 4.73
N ALA A 876 -9.65 11.79 3.71
CA ALA A 876 -9.02 10.52 3.38
C ALA A 876 -8.05 10.12 4.48
N ALA A 877 -7.37 11.10 5.07
CA ALA A 877 -6.41 10.84 6.13
C ALA A 877 -7.09 10.38 7.40
N GLY A 878 -8.32 10.86 7.62
CA GLY A 878 -9.06 10.45 8.81
C GLY A 878 -9.75 9.12 8.64
N MET A 879 -10.16 8.81 7.40
CA MET A 879 -10.85 7.56 7.15
C MET A 879 -9.95 6.36 6.91
N ARG A 880 -8.74 6.59 6.42
CA ARG A 880 -7.78 5.50 6.14
C ARG A 880 -8.34 4.43 5.18
N ASN A 881 -8.15 3.16 5.52
CA ASN A 881 -8.63 2.08 4.66
C ASN A 881 -10.16 1.91 4.72
N THR A 882 -10.83 2.21 3.60
CA THR A 882 -12.29 2.13 3.50
C THR A 882 -12.74 1.09 2.48
N GLY A 883 -11.78 0.32 1.96
CA GLY A 883 -12.11 -0.71 0.99
C GLY A 883 -11.00 -1.73 1.04
MN MN B . -7.01 -2.70 -11.87
N ASP C . -7.15 0.00 10.01
CA ASP C . -8.39 -0.31 10.76
C ASP C . -8.96 -1.62 10.27
O ASP C . -9.68 -2.30 11.03
CB ASP C . -9.44 0.80 10.58
CG ASP C . -8.86 2.15 10.84
OD1 ASP C . -8.08 2.30 11.78
OD2 ASP C . -9.21 3.10 10.10
OXT ASP C . -8.68 -1.96 9.10
O1 DCO D . -6.93 -5.13 -8.53
C1 DCO D . -6.68 -3.92 -9.08
O2 DCO D . -7.29 -3.60 -10.18
C2 DCO D . -5.80 -2.94 -8.44
C3 DCO D . -6.31 -1.52 -8.34
P1 DCO D . -5.69 -0.36 -9.74
O3 DCO D . -5.93 -1.05 -11.20
O4 DCO D . -6.68 0.99 -9.47
O5 DCO D . -4.12 -0.03 -9.40
C4 DCO D . -4.65 -3.35 -7.81
CL1 DCO D . -4.19 -5.00 -7.78
CL2 DCO D . -3.52 -2.32 -7.02
#